data_2JB1
#
_entry.id   2JB1
#
_cell.length_a   65.900
_cell.length_b   109.929
_cell.length_c   134.487
_cell.angle_alpha   90.00
_cell.angle_beta   90.00
_cell.angle_gamma   90.00
#
_symmetry.space_group_name_H-M   'P 21 21 21'
#
loop_
_entity.id
_entity.type
_entity.pdbx_description
1 polymer 'L-AMINO ACID OXIDASE'
2 non-polymer ALANINE
3 non-polymer 'FLAVIN-ADENINE DINUCLEOTIDE'
4 water water
#
_entity_poly.entity_id   1
_entity_poly.type   'polypeptide(L)'
_entity_poly.pdbx_seq_one_letter_code
;AGDLIGKVKGSHSVVVLGGGPAGLCSAFELQKAGYKVTVLEARTRPGGRVWTARGGSEETDLSGETQKCTFSEGHFYNVG
ATRIPQSHITLDYCRELGVEIQGFGNQNANTFVNYQSDTSLSGQSVTYRAAKADTFGYMSELLKKATDQGALDQVLSRED
KDALSEFLSDFGDLSDDGRYLGSSRRGYDSEPGAGLNFGTEKKPFAMQEVIRSGIGRNFSFDFGYDQAMMMFTPVGGMDR
IYYAFQDRIGTDNIVFGAEVTSMKNVSEGVTVEYTAGGSKKSITADYAICTIPPHLVGRLQNNLPGDVLTALKAAKPSSS
GKLGIEYSRRWWETEDRIYGGASNTDKDISQIMFPYDHYNSDRGVVVAYYSSGKRQEAFESLTHRQRLAKAIAEGSEIHG
EKYTRDISSSFSGSWRRTKYSESAWANWAGSGGSHGGAATPEYEKLLEPVDKIYFAGDHLSNAIAWQHGALTSARDVVTH
IHERVAQEA
;
_entity_poly.pdbx_strand_id   A,B
#
loop_
_chem_comp.id
_chem_comp.type
_chem_comp.name
_chem_comp.formula
FAD non-polymer 'FLAVIN-ADENINE DINUCLEOTIDE' 'C27 H33 N9 O15 P2'
#
# COMPACT_ATOMS: atom_id res chain seq x y z
N ASP A 3 -31.92 -0.32 -3.11
CA ASP A 3 -31.29 -1.63 -3.45
C ASP A 3 -31.48 -2.64 -2.33
N LEU A 4 -31.23 -2.20 -1.10
CA LEU A 4 -31.43 -3.05 0.09
C LEU A 4 -32.90 -3.44 0.21
N ILE A 5 -33.77 -2.42 0.18
CA ILE A 5 -35.22 -2.63 0.23
C ILE A 5 -35.91 -1.65 -0.74
N GLY A 6 -37.08 -2.06 -1.24
CA GLY A 6 -37.75 -1.34 -2.33
C GLY A 6 -39.07 -0.65 -1.98
N LYS A 7 -38.94 0.56 -1.43
CA LYS A 7 -40.08 1.43 -1.07
C LYS A 7 -41.16 0.78 -0.18
N VAL A 8 -41.41 1.41 0.97
CA VAL A 8 -42.46 0.97 1.88
C VAL A 8 -43.80 1.62 1.51
N LYS A 9 -44.89 0.92 1.77
CA LYS A 9 -46.23 1.44 1.50
C LYS A 9 -46.84 2.03 2.77
N GLY A 10 -47.32 3.26 2.66
CA GLY A 10 -47.97 3.94 3.78
C GLY A 10 -47.00 4.61 4.74
N SER A 11 -47.52 4.98 5.92
CA SER A 11 -46.75 5.72 6.92
C SER A 11 -46.22 4.79 8.00
N HIS A 12 -44.90 4.79 8.18
CA HIS A 12 -44.26 3.97 9.20
C HIS A 12 -43.07 4.73 9.77
N SER A 13 -42.85 4.60 11.08
CA SER A 13 -41.81 5.39 11.75
C SER A 13 -40.86 4.52 12.57
N VAL A 14 -39.60 4.94 12.61
CA VAL A 14 -38.58 4.26 13.41
C VAL A 14 -37.80 5.30 14.21
N VAL A 15 -37.55 4.99 15.48
CA VAL A 15 -36.60 5.77 16.28
C VAL A 15 -35.30 4.98 16.45
N VAL A 16 -34.19 5.62 16.11
CA VAL A 16 -32.85 5.02 16.16
C VAL A 16 -32.07 5.62 17.33
N LEU A 17 -31.69 4.76 18.27
CA LEU A 17 -30.96 5.18 19.46
C LEU A 17 -29.47 5.04 19.18
N GLY A 18 -28.80 6.19 19.03
CA GLY A 18 -27.38 6.24 18.71
C GLY A 18 -27.12 6.55 17.26
N GLY A 19 -26.30 7.57 17.02
CA GLY A 19 -25.89 7.99 15.69
C GLY A 19 -24.43 7.67 15.38
N GLY A 20 -24.01 6.46 15.73
CA GLY A 20 -22.77 5.89 15.23
C GLY A 20 -23.04 5.23 13.89
N PRO A 21 -22.10 4.41 13.42
CA PRO A 21 -22.26 3.79 12.12
C PRO A 21 -23.54 2.94 11.98
N ALA A 22 -23.87 2.13 12.98
CA ALA A 22 -25.06 1.29 12.85
C ALA A 22 -26.33 2.13 12.80
N GLY A 23 -26.40 3.15 13.66
CA GLY A 23 -27.59 3.99 13.72
C GLY A 23 -27.76 4.85 12.48
N LEU A 24 -26.67 5.42 12.00
CA LEU A 24 -26.73 6.27 10.81
C LEU A 24 -27.02 5.44 9.56
N CYS A 25 -26.41 4.27 9.45
CA CYS A 25 -26.69 3.39 8.31
C CYS A 25 -28.15 2.97 8.33
N SER A 26 -28.66 2.59 9.51
CA SER A 26 -30.07 2.24 9.65
C SER A 26 -30.97 3.36 9.16
N ALA A 27 -30.76 4.57 9.69
CA ALA A 27 -31.58 5.71 9.31
C ALA A 27 -31.50 6.01 7.81
N PHE A 28 -30.30 5.94 7.26
CA PHE A 28 -30.07 6.20 5.85
C PHE A 28 -30.88 5.25 4.97
N GLU A 29 -30.83 3.97 5.28
CA GLU A 29 -31.54 2.95 4.48
C GLU A 29 -33.05 3.02 4.69
N LEU A 30 -33.49 3.27 5.91
CA LEU A 30 -34.93 3.40 6.18
C LEU A 30 -35.51 4.58 5.41
N GLN A 31 -34.81 5.70 5.44
CA GLN A 31 -35.28 6.87 4.70
C GLN A 31 -35.42 6.61 3.22
N LYS A 32 -34.41 5.94 2.65
CA LYS A 32 -34.42 5.63 1.23
C LYS A 32 -35.65 4.82 0.86
N ALA A 33 -36.13 4.02 1.80
CA ALA A 33 -37.29 3.17 1.59
C ALA A 33 -38.61 3.88 1.90
N GLY A 34 -38.54 5.12 2.40
CA GLY A 34 -39.74 5.92 2.64
C GLY A 34 -40.26 5.95 4.08
N TYR A 35 -39.47 5.47 5.02
CA TYR A 35 -39.82 5.55 6.44
C TYR A 35 -39.55 6.94 7.02
N LYS A 36 -40.32 7.30 8.03
CA LYS A 36 -40.02 8.43 8.90
C LYS A 36 -39.02 7.92 9.92
N VAL A 37 -37.88 8.59 10.04
CA VAL A 37 -36.85 8.16 10.98
C VAL A 37 -36.34 9.34 11.80
N THR A 38 -36.05 9.09 13.07
CA THR A 38 -35.43 10.06 13.96
C THR A 38 -34.29 9.37 14.69
N VAL A 39 -33.09 9.94 14.57
CA VAL A 39 -31.91 9.45 15.26
C VAL A 39 -31.65 10.29 16.51
N LEU A 40 -31.46 9.63 17.65
CA LEU A 40 -31.09 10.30 18.89
C LEU A 40 -29.64 9.98 19.21
N GLU A 41 -28.79 11.01 19.21
CA GLU A 41 -27.36 10.85 19.47
C GLU A 41 -26.92 11.70 20.67
N ALA A 42 -26.25 11.07 21.64
CA ALA A 42 -25.84 11.76 22.88
C ALA A 42 -24.76 12.82 22.64
N ARG A 43 -23.83 12.51 21.74
CA ARG A 43 -22.75 13.42 21.41
C ARG A 43 -23.22 14.53 20.48
N THR A 44 -22.33 15.48 20.19
CA THR A 44 -22.62 16.54 19.22
C THR A 44 -22.06 16.26 17.83
N ARG A 45 -21.46 15.07 17.67
CA ARG A 45 -20.90 14.64 16.39
C ARG A 45 -21.51 13.30 16.00
N PRO A 46 -21.57 13.02 14.69
CA PRO A 46 -21.96 11.70 14.21
C PRO A 46 -20.76 10.76 14.16
N GLY A 47 -20.96 9.48 14.44
CA GLY A 47 -19.93 8.47 14.20
C GLY A 47 -19.49 7.59 15.34
N GLY A 48 -19.77 8.00 16.58
CA GLY A 48 -19.50 7.15 17.75
C GLY A 48 -18.04 6.80 17.91
N ARG A 49 -17.73 5.50 17.83
CA ARG A 49 -16.35 5.05 17.95
C ARG A 49 -15.52 5.36 16.68
N VAL A 50 -16.16 5.86 15.63
CA VAL A 50 -15.43 6.51 14.53
C VAL A 50 -15.32 8.00 14.87
N TRP A 51 -14.14 8.37 15.36
CA TRP A 51 -13.87 9.70 15.89
C TRP A 51 -12.54 10.17 15.33
N THR A 52 -12.54 11.36 14.72
CA THR A 52 -11.31 11.94 14.16
C THR A 52 -10.99 13.23 14.90
N ALA A 53 -9.82 13.24 15.55
CA ALA A 53 -9.33 14.39 16.31
C ALA A 53 -8.64 15.39 15.39
N ARG A 54 -9.13 16.62 15.39
CA ARG A 54 -8.48 17.74 14.70
C ARG A 54 -8.49 19.01 15.57
N GLY A 55 -7.79 20.03 15.09
CA GLY A 55 -7.73 21.28 15.84
C GLY A 55 -9.13 21.77 16.15
N GLY A 56 -9.40 21.96 17.43
CA GLY A 56 -10.71 22.39 17.89
C GLY A 56 -11.48 21.31 18.63
N SER A 57 -11.11 20.04 18.43
CA SER A 57 -11.75 18.95 19.16
C SER A 57 -11.51 19.16 20.65
N GLU A 58 -12.59 19.10 21.42
CA GLU A 58 -12.50 19.13 22.88
C GLU A 58 -13.26 17.93 23.44
N GLU A 59 -12.64 17.20 24.36
CA GLU A 59 -13.26 16.03 24.98
C GLU A 59 -12.94 16.02 26.47
N THR A 60 -13.96 15.78 27.28
CA THR A 60 -13.82 15.58 28.72
C THR A 60 -14.09 14.11 29.00
N ASP A 61 -13.08 13.41 29.51
CA ASP A 61 -13.22 11.97 29.75
C ASP A 61 -13.86 11.71 31.11
N LEU A 62 -14.12 10.44 31.39
CA LEU A 62 -14.85 10.04 32.60
C LEU A 62 -14.07 10.27 33.90
N SER A 63 -12.80 10.66 33.78
CA SER A 63 -11.98 11.06 34.95
C SER A 63 -12.11 12.57 35.21
N GLY A 64 -12.78 13.28 34.30
CA GLY A 64 -12.95 14.71 34.41
C GLY A 64 -11.84 15.54 33.78
N GLU A 65 -10.95 14.89 33.03
CA GLU A 65 -9.89 15.61 32.35
C GLU A 65 -10.40 16.08 31.00
N THR A 66 -10.17 17.37 30.69
CA THR A 66 -10.51 17.93 29.39
C THR A 66 -9.26 18.15 28.53
N GLN A 67 -9.27 17.55 27.34
CA GLN A 67 -8.24 17.80 26.35
C GLN A 67 -8.78 18.66 25.23
N LYS A 68 -7.94 19.57 24.74
CA LYS A 68 -8.27 20.46 23.64
C LYS A 68 -7.23 20.29 22.54
N CYS A 69 -7.65 19.65 21.45
CA CYS A 69 -6.78 19.40 20.31
C CYS A 69 -6.44 20.68 19.55
N THR A 70 -5.15 20.86 19.28
CA THR A 70 -4.67 22.04 18.56
C THR A 70 -3.83 21.66 17.33
N PHE A 71 -4.16 20.54 16.69
CA PHE A 71 -3.43 20.17 15.48
C PHE A 71 -3.61 21.24 14.40
N SER A 72 -2.57 21.41 13.59
CA SER A 72 -2.58 22.33 12.46
C SER A 72 -3.71 22.01 11.48
N GLU A 73 -4.21 23.03 10.80
CA GLU A 73 -5.30 22.82 9.85
C GLU A 73 -4.92 21.74 8.83
N GLY A 74 -5.84 20.79 8.62
CA GLY A 74 -5.63 19.71 7.66
C GLY A 74 -4.97 18.48 8.25
N HIS A 75 -4.49 18.60 9.49
CA HIS A 75 -3.85 17.49 10.18
C HIS A 75 -4.77 16.89 11.25
N PHE A 76 -4.76 15.58 11.33
CA PHE A 76 -5.68 14.84 12.19
C PHE A 76 -5.15 13.45 12.45
N TYR A 77 -5.83 12.73 13.34
CA TYR A 77 -5.71 11.27 13.36
C TYR A 77 -7.00 10.66 13.83
N ASN A 78 -7.21 9.42 13.41
CA ASN A 78 -8.38 8.64 13.77
C ASN A 78 -8.17 8.02 15.14
N VAL A 79 -8.99 8.44 16.12
CA VAL A 79 -8.86 7.93 17.49
C VAL A 79 -9.46 6.53 17.61
N GLY A 80 -10.44 6.24 16.75
CA GLY A 80 -11.02 4.91 16.65
C GLY A 80 -10.70 4.29 15.30
N ALA A 81 -11.73 3.99 14.52
CA ALA A 81 -11.55 3.34 13.22
C ALA A 81 -10.60 4.13 12.32
N THR A 82 -9.68 3.42 11.66
CA THR A 82 -8.74 4.08 10.78
C THR A 82 -8.43 3.35 9.46
N ARG A 83 -8.70 2.05 9.38
CA ARG A 83 -8.30 1.28 8.19
C ARG A 83 -9.41 0.34 7.74
N ILE A 84 -9.47 0.07 6.44
CA ILE A 84 -10.57 -0.71 5.87
C ILE A 84 -10.02 -1.70 4.84
N PRO A 85 -10.33 -3.01 5.00
CA PRO A 85 -9.96 -3.99 3.98
C PRO A 85 -10.94 -3.99 2.81
N GLN A 86 -10.50 -4.59 1.71
CA GLN A 86 -11.23 -4.50 0.45
C GLN A 86 -12.61 -5.17 0.43
N SER A 87 -12.80 -6.17 1.28
CA SER A 87 -14.06 -6.92 1.30
C SER A 87 -15.19 -6.23 2.07
N HIS A 88 -14.87 -5.17 2.80
CA HIS A 88 -15.83 -4.56 3.70
C HIS A 88 -16.82 -3.65 2.98
N ILE A 89 -18.06 -3.69 3.42
CA ILE A 89 -19.14 -2.89 2.83
C ILE A 89 -18.96 -1.40 3.14
N THR A 90 -18.06 -1.11 4.06
CA THR A 90 -17.63 0.26 4.33
C THR A 90 -17.16 0.96 3.04
N LEU A 91 -16.45 0.23 2.18
CA LEU A 91 -15.99 0.81 0.92
C LEU A 91 -17.15 1.10 -0.03
N ASP A 92 -18.15 0.21 -0.04
CA ASP A 92 -19.34 0.43 -0.88
C ASP A 92 -20.10 1.67 -0.42
N TYR A 93 -20.16 1.90 0.88
CA TYR A 93 -20.80 3.12 1.38
C TYR A 93 -19.97 4.36 1.09
N CYS A 94 -18.64 4.25 1.10
CA CYS A 94 -17.82 5.39 0.65
C CYS A 94 -18.16 5.77 -0.78
N ARG A 95 -18.36 4.76 -1.63
CA ARG A 95 -18.76 5.03 -3.02
C ARG A 95 -20.12 5.70 -3.10
N GLU A 96 -21.09 5.14 -2.40
CA GLU A 96 -22.46 5.64 -2.40
C GLU A 96 -22.54 7.07 -1.88
N LEU A 97 -21.70 7.39 -0.90
CA LEU A 97 -21.72 8.69 -0.23
C LEU A 97 -20.79 9.73 -0.86
N GLY A 98 -19.93 9.29 -1.78
CA GLY A 98 -18.99 10.20 -2.43
C GLY A 98 -17.82 10.59 -1.54
N VAL A 99 -17.43 9.66 -0.67
CA VAL A 99 -16.33 9.89 0.26
C VAL A 99 -15.05 9.30 -0.33
N GLU A 100 -14.14 10.19 -0.75
CA GLU A 100 -12.89 9.78 -1.38
C GLU A 100 -12.00 8.99 -0.43
N ILE A 101 -11.44 7.90 -0.94
CA ILE A 101 -10.51 7.08 -0.17
C ILE A 101 -9.10 7.12 -0.74
N GLN A 102 -8.14 6.76 0.10
CA GLN A 102 -6.73 6.65 -0.27
C GLN A 102 -6.13 5.38 0.36
N GLY A 103 -5.00 4.96 -0.16
C GLY A 103 -3.86 4.05 1.90
N PHE A 104 -4.11 3.06 2.74
CA PHE A 104 -3.62 3.07 4.12
C PHE A 104 -2.39 2.14 4.19
N GLY A 105 -1.28 2.66 4.70
CA GLY A 105 -0.04 1.87 4.76
C GLY A 105 -0.11 0.93 5.95
N ASN A 106 -0.51 -0.32 5.72
CA ASN A 106 -0.61 -1.31 6.78
C ASN A 106 0.56 -2.28 6.84
N GLN A 107 1.52 -2.12 5.93
CA GLN A 107 2.71 -2.94 5.85
C GLN A 107 3.81 -2.06 5.29
N ASN A 108 4.99 -2.09 5.90
CA ASN A 108 6.09 -1.29 5.42
C ASN A 108 7.40 -1.94 5.79
N ALA A 109 8.24 -2.15 4.78
CA ALA A 109 9.57 -2.75 4.95
C ALA A 109 10.49 -1.90 5.80
N ASN A 110 10.24 -0.59 5.84
CA ASN A 110 11.15 0.35 6.48
C ASN A 110 10.82 0.69 7.91
N THR A 111 9.62 0.33 8.38
CA THR A 111 9.32 0.55 9.81
C THR A 111 10.05 -0.51 10.63
N PHE A 112 10.03 -0.35 11.96
CA PHE A 112 10.88 -1.14 12.83
C PHE A 112 10.08 -2.16 13.63
N VAL A 113 10.77 -3.23 14.03
CA VAL A 113 10.34 -4.11 15.12
C VAL A 113 11.34 -3.99 16.26
N ASN A 114 10.85 -4.12 17.48
CA ASN A 114 11.68 -3.92 18.66
C ASN A 114 11.11 -4.69 19.86
N TYR A 115 11.76 -5.79 20.20
CA TYR A 115 11.30 -6.67 21.27
C TYR A 115 12.40 -7.02 22.25
N GLN A 116 12.00 -7.32 23.47
CA GLN A 116 12.89 -7.87 24.49
C GLN A 116 13.09 -9.36 24.25
N SER A 117 14.29 -9.85 24.55
CA SER A 117 14.63 -11.26 24.42
C SER A 117 15.92 -11.53 25.19
N ASP A 118 16.32 -12.80 25.24
CA ASP A 118 17.60 -13.18 25.84
C ASP A 118 18.63 -13.33 24.73
N THR A 119 18.72 -12.29 23.91
CA THR A 119 19.71 -12.19 22.83
C THR A 119 20.26 -10.77 22.79
N SER A 120 21.24 -10.58 21.93
CA SER A 120 21.82 -9.25 21.72
C SER A 120 20.90 -8.34 20.88
N LEU A 121 19.80 -8.88 20.35
CA LEU A 121 18.79 -8.07 19.65
C LEU A 121 17.73 -7.52 20.61
N SER A 122 17.82 -7.85 21.88
CA SER A 122 16.84 -7.38 22.87
C SER A 122 16.76 -5.86 22.91
N GLY A 123 15.57 -5.33 22.64
CA GLY A 123 15.35 -3.89 22.63
C GLY A 123 16.01 -3.13 21.48
N GLN A 124 16.54 -3.88 20.51
CA GLN A 124 17.18 -3.30 19.32
C GLN A 124 16.15 -3.15 18.23
N SER A 125 16.13 -2.00 17.57
CA SER A 125 15.25 -1.80 16.42
C SER A 125 15.86 -2.46 15.19
N VAL A 126 15.01 -3.16 14.45
CA VAL A 126 15.40 -3.83 13.20
C VAL A 126 14.32 -3.54 12.17
N THR A 127 14.70 -3.16 10.96
CA THR A 127 13.66 -2.90 9.95
C THR A 127 12.93 -4.20 9.65
N TYR A 128 11.67 -4.07 9.22
CA TYR A 128 10.93 -5.25 8.80
C TYR A 128 11.64 -5.99 7.67
N ARG A 129 12.23 -5.27 6.72
CA ARG A 129 12.88 -5.96 5.62
C ARG A 129 14.11 -6.77 6.06
N ALA A 130 14.88 -6.21 7.00
CA ALA A 130 16.02 -6.96 7.54
C ALA A 130 15.55 -8.14 8.37
N ALA A 131 14.53 -7.94 9.20
CA ALA A 131 14.01 -9.00 10.05
C ALA A 131 13.42 -10.13 9.19
N LYS A 132 12.72 -9.76 8.13
CA LYS A 132 12.13 -10.75 7.24
C LYS A 132 13.22 -11.52 6.46
N ALA A 133 14.20 -10.81 5.93
CA ALA A 133 15.25 -11.45 5.15
C ALA A 133 16.02 -12.48 6.00
N ASP A 134 16.32 -12.12 7.24
CA ASP A 134 17.04 -13.05 8.11
C ASP A 134 16.16 -14.22 8.51
N THR A 135 14.92 -13.93 8.90
CA THR A 135 14.00 -14.97 9.35
C THR A 135 13.71 -15.96 8.23
N PHE A 136 13.29 -15.43 7.09
CA PHE A 136 12.96 -16.30 5.95
C PHE A 136 14.20 -16.92 5.34
N GLY A 137 15.34 -16.23 5.43
CA GLY A 137 16.61 -16.79 4.99
C GLY A 137 16.95 -18.06 5.76
N TYR A 138 17.00 -17.94 7.09
CA TYR A 138 17.35 -19.10 7.93
C TYR A 138 16.25 -20.18 7.93
N MET A 139 14.99 -19.78 7.92
CA MET A 139 13.87 -20.72 7.80
C MET A 139 14.02 -21.57 6.53
N SER A 140 14.30 -20.90 5.42
CA SER A 140 14.45 -21.56 4.12
C SER A 140 15.67 -22.47 4.12
N GLU A 141 16.77 -22.00 4.71
CA GLU A 141 17.97 -22.82 4.81
C GLU A 141 17.68 -24.10 5.61
N LEU A 142 16.98 -23.95 6.73
CA LEU A 142 16.69 -25.10 7.59
C LEU A 142 15.78 -26.11 6.89
N LEU A 143 14.73 -25.63 6.23
CA LEU A 143 13.81 -26.55 5.55
C LEU A 143 14.49 -27.24 4.36
N LYS A 144 15.34 -26.50 3.64
CA LYS A 144 16.12 -27.11 2.56
C LYS A 144 17.07 -28.16 3.11
N LYS A 145 17.67 -27.88 4.27
CA LYS A 145 18.56 -28.83 4.93
C LYS A 145 17.82 -30.12 5.28
N ALA A 146 16.63 -29.97 5.84
CA ALA A 146 15.84 -31.14 6.25
C ALA A 146 15.43 -31.97 5.04
N THR A 147 15.05 -31.27 3.97
CA THR A 147 14.67 -31.91 2.71
C THR A 147 15.82 -32.70 2.11
N ASP A 148 16.98 -32.07 2.02
CA ASP A 148 18.18 -32.72 1.48
C ASP A 148 18.63 -33.93 2.30
N GLN A 149 18.41 -33.84 3.61
CA GLN A 149 18.76 -34.89 4.57
C GLN A 149 17.91 -36.16 4.36
N GLY A 150 16.72 -35.99 3.78
CA GLY A 150 15.76 -37.08 3.61
C GLY A 150 14.68 -37.14 4.68
N ALA A 151 14.59 -36.09 5.50
CA ALA A 151 13.65 -36.06 6.62
C ALA A 151 12.19 -36.04 6.19
N LEU A 152 11.95 -35.59 4.95
CA LEU A 152 10.61 -35.46 4.43
C LEU A 152 10.36 -36.37 3.23
N ASP A 153 11.13 -37.46 3.16
CA ASP A 153 11.03 -38.39 2.03
C ASP A 153 9.73 -39.18 2.02
N GLN A 154 9.10 -39.33 3.18
CA GLN A 154 7.82 -40.05 3.30
C GLN A 154 6.60 -39.21 2.91
N VAL A 155 6.79 -37.90 2.72
CA VAL A 155 5.68 -37.01 2.33
C VAL A 155 5.92 -36.21 1.05
N LEU A 156 7.17 -36.17 0.58
CA LEU A 156 7.51 -35.50 -0.66
C LEU A 156 8.18 -36.47 -1.62
N SER A 157 7.77 -36.43 -2.89
CA SER A 157 8.44 -37.19 -3.94
C SER A 157 9.75 -36.51 -4.31
N ARG A 158 10.56 -37.18 -5.12
CA ARG A 158 11.80 -36.59 -5.65
C ARG A 158 11.52 -35.26 -6.34
N GLU A 159 10.46 -35.22 -7.14
CA GLU A 159 10.10 -34.04 -7.91
C GLU A 159 9.54 -32.93 -7.01
N ASP A 160 8.82 -33.32 -5.96
CA ASP A 160 8.35 -32.36 -4.95
C ASP A 160 9.53 -31.71 -4.24
N LYS A 161 10.50 -32.52 -3.83
CA LYS A 161 11.69 -32.02 -3.15
C LYS A 161 12.45 -31.01 -3.99
N ASP A 162 12.58 -31.30 -5.28
CA ASP A 162 13.28 -30.40 -6.20
C ASP A 162 12.52 -29.10 -6.39
N ALA A 163 11.19 -29.20 -6.49
CA ALA A 163 10.35 -28.01 -6.63
C ALA A 163 10.36 -27.17 -5.36
N LEU A 164 10.35 -27.84 -4.21
CA LEU A 164 10.42 -27.14 -2.93
C LEU A 164 11.78 -26.45 -2.79
N SER A 165 12.86 -27.17 -3.13
CA SER A 165 14.19 -26.59 -3.03
C SER A 165 14.36 -25.34 -3.87
N GLU A 166 13.82 -25.38 -5.09
CA GLU A 166 13.85 -24.24 -5.99
C GLU A 166 13.17 -23.03 -5.35
N PHE A 167 12.00 -23.27 -4.77
CA PHE A 167 11.22 -22.21 -4.13
C PHE A 167 11.99 -21.64 -2.93
N LEU A 168 12.58 -22.51 -2.13
CA LEU A 168 13.26 -22.08 -0.91
C LEU A 168 14.52 -21.28 -1.25
N SER A 169 15.23 -21.70 -2.29
CA SER A 169 16.40 -20.96 -2.74
C SER A 169 16.05 -19.52 -3.01
N ASP A 170 14.95 -19.32 -3.72
CA ASP A 170 14.58 -17.98 -4.11
C ASP A 170 13.85 -17.23 -3.00
N PHE A 171 13.00 -17.91 -2.25
CA PHE A 171 12.26 -17.27 -1.15
C PHE A 171 13.23 -16.78 -0.06
N GLY A 172 14.23 -17.60 0.24
CA GLY A 172 15.21 -17.28 1.27
C GLY A 172 16.44 -16.53 0.77
N ASP A 173 16.54 -16.35 -0.56
CA ASP A 173 17.73 -15.79 -1.22
C ASP A 173 18.99 -16.53 -0.78
N LEU A 174 18.95 -17.86 -0.91
CA LEU A 174 20.05 -18.70 -0.49
C LEU A 174 21.19 -18.70 -1.50
N SER A 175 22.40 -18.96 -1.01
CA SER A 175 23.55 -19.21 -1.86
C SER A 175 23.31 -20.42 -2.75
N ASP A 176 24.20 -20.64 -3.70
CA ASP A 176 24.09 -21.80 -4.58
C ASP A 176 24.19 -23.13 -3.82
N ASP A 177 24.92 -23.14 -2.70
CA ASP A 177 25.08 -24.37 -1.90
C ASP A 177 24.07 -24.48 -0.75
N GLY A 178 23.07 -23.61 -0.77
CA GLY A 178 21.91 -23.73 0.13
C GLY A 178 21.96 -23.02 1.49
N ARG A 179 22.87 -22.07 1.65
CA ARG A 179 23.02 -21.33 2.90
C ARG A 179 22.48 -19.90 2.79
N TYR A 180 21.95 -19.41 3.90
CA TYR A 180 21.61 -18.00 3.96
C TYR A 180 22.84 -17.23 4.42
N LEU A 181 23.32 -16.33 3.56
CA LEU A 181 24.51 -15.55 3.83
C LEU A 181 24.26 -14.04 3.74
N GLY A 182 22.99 -13.65 3.83
CA GLY A 182 22.60 -12.26 3.68
C GLY A 182 21.91 -12.00 2.35
N SER A 183 21.46 -10.76 2.16
CA SER A 183 20.66 -10.43 0.99
C SER A 183 20.57 -8.93 0.83
N SER A 184 20.44 -8.49 -0.42
CA SER A 184 20.07 -7.10 -0.70
C SER A 184 18.69 -6.76 -0.12
N ARG A 185 17.88 -7.79 0.09
CA ARG A 185 16.56 -7.63 0.68
C ARG A 185 16.62 -7.01 2.07
N ARG A 186 17.76 -7.11 2.73
CA ARG A 186 17.91 -6.52 4.08
C ARG A 186 17.97 -5.00 4.02
N GLY A 187 18.30 -4.46 2.85
CA GLY A 187 18.57 -3.04 2.72
C GLY A 187 20.05 -2.72 2.83
N TYR A 188 20.34 -1.42 2.88
CA TYR A 188 21.69 -0.88 2.68
C TYR A 188 22.03 0.16 3.74
N ASP A 189 23.27 0.15 4.18
CA ASP A 189 23.81 1.23 5.01
C ASP A 189 24.22 2.44 4.17
N SER A 190 24.55 2.18 2.91
CA SER A 190 24.78 3.24 1.93
C SER A 190 24.05 2.85 0.66
N GLU A 191 23.23 3.77 0.15
CA GLU A 191 22.33 3.49 -0.97
C GLU A 191 23.11 3.32 -2.27
N PRO A 192 22.75 2.30 -3.08
CA PRO A 192 23.41 2.17 -4.38
C PRO A 192 23.06 3.34 -5.28
N GLY A 193 24.07 3.88 -5.95
CA GLY A 193 23.90 5.05 -6.81
C GLY A 193 24.43 4.78 -8.19
N ALA A 194 25.17 5.74 -8.72
CA ALA A 194 25.67 5.72 -10.09
C ALA A 194 27.16 5.37 -10.13
N GLY A 195 27.61 4.98 -11.31
CA GLY A 195 29.03 4.68 -11.51
C GLY A 195 29.50 3.50 -10.67
N LEU A 196 30.57 3.71 -9.91
CA LEU A 196 31.10 2.70 -9.02
C LEU A 196 30.62 2.86 -7.57
N ASN A 197 29.51 3.60 -7.40
CA ASN A 197 28.90 3.78 -6.08
C ASN A 197 27.90 2.64 -5.85
N PHE A 198 28.41 1.46 -5.53
CA PHE A 198 27.58 0.26 -5.41
C PHE A 198 26.70 0.24 -4.16
N GLY A 199 27.06 1.03 -3.16
CA GLY A 199 26.40 0.99 -1.87
C GLY A 199 26.94 -0.17 -1.04
N THR A 200 26.38 -0.33 0.15
CA THR A 200 26.86 -1.34 1.08
C THR A 200 25.67 -2.01 1.76
N GLU A 201 25.52 -3.32 1.55
CA GLU A 201 24.42 -4.07 2.15
C GLU A 201 24.55 -4.13 3.67
N LYS A 202 23.41 -4.16 4.36
CA LYS A 202 23.39 -4.43 5.80
C LYS A 202 23.64 -5.92 6.02
N LYS A 203 24.58 -6.25 6.92
CA LYS A 203 24.97 -7.64 7.15
C LYS A 203 23.96 -8.39 8.02
N PRO A 204 23.83 -9.71 7.80
CA PRO A 204 22.85 -10.50 8.53
C PRO A 204 23.22 -10.78 9.99
N PHE A 205 22.19 -10.94 10.82
CA PHE A 205 22.36 -11.47 12.16
C PHE A 205 22.54 -12.98 12.09
N ALA A 206 23.07 -13.55 13.16
CA ALA A 206 23.30 -15.00 13.23
C ALA A 206 22.00 -15.76 13.44
N MET A 207 22.00 -17.05 13.07
CA MET A 207 20.78 -17.84 13.09
C MET A 207 20.16 -17.94 14.49
N GLN A 208 20.94 -18.36 15.47
CA GLN A 208 20.37 -18.57 16.80
C GLN A 208 19.82 -17.27 17.37
N GLU A 209 20.55 -16.17 17.18
CA GLU A 209 20.11 -14.85 17.63
C GLU A 209 18.73 -14.56 17.03
N VAL A 210 18.63 -14.74 15.72
CA VAL A 210 17.38 -14.42 15.02
C VAL A 210 16.22 -15.25 15.56
N ILE A 211 16.42 -16.55 15.70
CA ILE A 211 15.35 -17.42 16.19
C ILE A 211 14.93 -17.04 17.61
N ARG A 212 15.91 -16.85 18.48
CA ARG A 212 15.63 -16.59 19.90
C ARG A 212 15.18 -15.16 20.18
N SER A 213 15.38 -14.26 19.21
CA SER A 213 14.95 -12.86 19.37
C SER A 213 13.44 -12.68 19.22
N GLY A 214 12.81 -13.58 18.47
CA GLY A 214 11.40 -13.45 18.14
C GLY A 214 11.09 -12.26 17.23
N ILE A 215 12.06 -11.81 16.43
CA ILE A 215 11.82 -10.64 15.57
C ILE A 215 10.78 -10.87 14.46
N GLY A 216 10.40 -12.13 14.25
CA GLY A 216 9.33 -12.45 13.29
C GLY A 216 7.97 -12.67 13.90
N ARG A 217 7.79 -12.31 15.17
CA ARG A 217 6.54 -12.63 15.88
C ARG A 217 5.32 -11.88 15.33
N ASN A 218 5.55 -10.78 14.62
CA ASN A 218 4.43 -10.00 14.07
C ASN A 218 4.24 -10.16 12.56
N PHE A 219 5.04 -11.01 11.90
CA PHE A 219 4.95 -11.11 10.44
C PHE A 219 3.58 -11.58 9.97
N SER A 220 2.95 -12.48 10.73
CA SER A 220 1.66 -13.04 10.32
C SER A 220 0.56 -11.99 10.31
N PHE A 221 0.78 -10.85 10.96
CA PHE A 221 -0.19 -9.77 10.89
C PHE A 221 -0.50 -9.42 9.42
N ASP A 222 0.54 -9.47 8.58
CA ASP A 222 0.42 -9.18 7.14
C ASP A 222 -0.68 -10.02 6.48
N PHE A 223 -0.96 -11.19 7.06
CA PHE A 223 -1.87 -12.16 6.45
C PHE A 223 -3.30 -12.10 6.99
N GLY A 224 -3.55 -11.29 8.01
CA GLY A 224 -4.90 -11.24 8.55
C GLY A 224 -5.89 -10.95 7.44
N TYR A 225 -7.00 -11.67 7.43
CA TYR A 225 -7.98 -11.45 6.36
C TYR A 225 -8.40 -9.98 6.27
N ASP A 226 -8.58 -9.33 7.43
CA ASP A 226 -9.04 -7.94 7.50
C ASP A 226 -7.91 -6.92 7.61
N GLN A 227 -6.66 -7.36 7.49
CA GLN A 227 -5.48 -6.49 7.63
C GLN A 227 -4.53 -6.52 6.43
N ALA A 228 -4.60 -7.57 5.61
CA ALA A 228 -3.67 -7.71 4.49
C ALA A 228 -3.82 -6.55 3.52
N MET A 229 -2.69 -6.06 3.01
CA MET A 229 -2.74 -5.05 1.95
C MET A 229 -3.41 -5.65 0.71
N MET A 230 -4.15 -4.85 -0.07
CA MET A 230 -4.28 -3.40 0.10
C MET A 230 -5.37 -3.02 1.11
N MET A 231 -5.08 -1.99 1.90
CA MET A 231 -6.00 -1.42 2.88
C MET A 231 -6.23 0.03 2.50
N PHE A 232 -7.36 0.58 2.97
CA PHE A 232 -7.80 1.93 2.57
C PHE A 232 -8.37 2.73 3.74
N THR A 233 -8.46 4.04 3.52
CA THR A 233 -8.98 4.95 4.54
C THR A 233 -9.49 6.22 3.86
N PRO A 234 -10.50 6.88 4.44
CA PRO A 234 -10.99 8.11 3.79
C PRO A 234 -10.02 9.28 3.88
N VAL A 235 -9.88 10.01 2.78
CA VAL A 235 -9.09 11.22 2.77
C VAL A 235 -9.67 12.24 3.75
N GLY A 236 -8.87 12.69 4.71
CA GLY A 236 -9.32 13.73 5.63
C GLY A 236 -9.90 13.22 6.92
N GLY A 237 -10.01 11.90 7.07
CA GLY A 237 -10.48 11.31 8.32
C GLY A 237 -11.61 10.31 8.13
N MET A 238 -11.67 9.30 8.99
CA MET A 238 -12.69 8.26 8.88
C MET A 238 -14.09 8.82 9.16
N ASP A 239 -14.15 9.90 9.94
CA ASP A 239 -15.43 10.48 10.28
C ASP A 239 -16.14 11.12 9.10
N ARG A 240 -15.45 11.29 7.99
CA ARG A 240 -16.08 11.85 6.80
C ARG A 240 -17.22 10.97 6.30
N ILE A 241 -17.11 9.65 6.50
CA ILE A 241 -18.19 8.75 6.13
C ILE A 241 -19.47 9.16 6.88
N TYR A 242 -19.34 9.45 8.16
CA TYR A 242 -20.48 9.68 9.01
C TYR A 242 -21.02 11.09 8.97
N TYR A 243 -20.18 12.07 8.64
CA TYR A 243 -20.70 13.39 8.27
C TYR A 243 -21.44 13.32 6.92
N ALA A 244 -21.01 12.43 6.03
CA ALA A 244 -21.72 12.24 4.77
C ALA A 244 -23.09 11.56 5.00
N PHE A 245 -23.13 10.54 5.86
CA PHE A 245 -24.43 9.97 6.26
C PHE A 245 -25.31 11.06 6.86
N GLN A 246 -24.75 11.84 7.79
CA GLN A 246 -25.50 12.90 8.48
C GLN A 246 -26.15 13.82 7.45
N ASP A 247 -25.38 14.24 6.46
CA ASP A 247 -25.89 15.18 5.46
C ASP A 247 -26.95 14.58 4.55
N ARG A 248 -26.85 13.29 4.27
CA ARG A 248 -27.88 12.61 3.47
C ARG A 248 -29.17 12.39 4.25
N ILE A 249 -29.03 12.03 5.52
CA ILE A 249 -30.18 11.87 6.41
C ILE A 249 -30.89 13.19 6.69
N GLY A 250 -30.09 14.24 6.86
CA GLY A 250 -30.58 15.56 7.22
C GLY A 250 -30.52 15.76 8.71
N THR A 251 -29.91 16.86 9.15
CA THR A 251 -29.85 17.17 10.58
C THR A 251 -31.23 17.46 11.21
N ASP A 252 -32.26 17.66 10.38
CA ASP A 252 -33.61 17.76 10.90
C ASP A 252 -34.13 16.41 11.44
N ASN A 253 -33.48 15.32 11.03
CA ASN A 253 -33.88 13.99 11.48
C ASN A 253 -32.95 13.40 12.54
N ILE A 254 -32.00 14.21 12.98
CA ILE A 254 -31.04 13.78 14.01
C ILE A 254 -31.04 14.79 15.15
N VAL A 255 -31.28 14.31 16.36
CA VAL A 255 -31.18 15.15 17.55
C VAL A 255 -29.85 14.84 18.21
N PHE A 256 -28.91 15.79 18.09
CA PHE A 256 -27.63 15.70 18.77
C PHE A 256 -27.75 16.22 20.20
N GLY A 257 -26.81 15.84 21.04
CA GLY A 257 -26.88 16.19 22.47
C GLY A 257 -28.12 15.61 23.14
N ALA A 258 -28.56 14.45 22.64
CA ALA A 258 -29.77 13.79 23.11
C ALA A 258 -29.40 12.53 23.86
N GLU A 259 -29.39 12.62 25.19
CA GLU A 259 -29.05 11.47 26.03
C GLU A 259 -30.29 10.64 26.33
N VAL A 260 -30.36 9.47 25.72
CA VAL A 260 -31.47 8.57 25.99
C VAL A 260 -31.39 8.05 27.42
N THR A 261 -32.54 8.06 28.11
CA THR A 261 -32.65 7.59 29.49
C THR A 261 -33.67 6.46 29.70
N SER A 262 -34.58 6.29 28.74
CA SER A 262 -35.59 5.23 28.84
C SER A 262 -35.96 4.71 27.45
N MET A 263 -36.24 3.41 27.39
CA MET A 263 -36.66 2.77 26.14
C MET A 263 -37.64 1.67 26.54
N LYS A 264 -38.91 1.81 26.12
CA LYS A 264 -39.94 0.86 26.50
C LYS A 264 -40.84 0.50 25.33
N ASN A 265 -41.13 -0.79 25.19
CA ASN A 265 -42.22 -1.23 24.35
C ASN A 265 -43.53 -0.71 24.93
N VAL A 266 -44.36 -0.15 24.06
CA VAL A 266 -45.67 0.37 24.42
C VAL A 266 -46.68 -0.07 23.36
N SER A 267 -47.96 0.13 23.65
CA SER A 267 -49.02 -0.33 22.74
C SER A 267 -48.80 0.08 21.28
N GLU A 268 -48.38 1.32 21.07
CA GLU A 268 -48.26 1.84 19.72
C GLU A 268 -46.85 1.70 19.12
N GLY A 269 -45.94 1.04 19.83
CA GLY A 269 -44.59 0.87 19.29
C GLY A 269 -43.55 0.91 20.38
N VAL A 270 -42.67 1.90 20.32
CA VAL A 270 -41.63 2.07 21.32
C VAL A 270 -41.55 3.54 21.71
N THR A 271 -41.58 3.81 23.00
CA THR A 271 -41.39 5.16 23.50
C THR A 271 -40.01 5.28 24.12
N VAL A 272 -39.30 6.32 23.69
CA VAL A 272 -37.94 6.59 24.14
C VAL A 272 -37.93 7.97 24.78
N GLU A 273 -37.50 8.03 26.04
CA GLU A 273 -37.31 9.29 26.74
C GLU A 273 -35.83 9.67 26.69
N TYR A 274 -35.58 10.95 26.50
CA TYR A 274 -34.22 11.47 26.38
C TYR A 274 -34.16 12.91 26.85
N THR A 275 -32.97 13.34 27.24
CA THR A 275 -32.72 14.71 27.64
C THR A 275 -31.94 15.42 26.55
N ALA A 276 -32.48 16.53 26.07
CA ALA A 276 -31.83 17.34 25.05
C ALA A 276 -32.15 18.80 25.30
N GLY A 277 -31.11 19.62 25.28
CA GLY A 277 -31.24 21.03 25.62
C GLY A 277 -31.66 21.24 27.06
N GLY A 278 -31.30 20.30 27.92
CA GLY A 278 -31.62 20.37 29.34
C GLY A 278 -33.00 19.85 29.71
N SER A 279 -33.81 19.56 28.68
CA SER A 279 -35.24 19.26 28.86
C SER A 279 -35.51 17.76 28.69
N LYS A 280 -36.43 17.24 29.49
CA LYS A 280 -36.92 15.87 29.37
C LYS A 280 -37.88 15.80 28.19
N LYS A 281 -37.55 14.95 27.22
CA LYS A 281 -38.36 14.78 26.01
C LYS A 281 -38.75 13.33 25.85
N SER A 282 -39.74 13.10 24.99
CA SER A 282 -40.21 11.76 24.68
C SER A 282 -40.52 11.69 23.20
N ILE A 283 -40.19 10.57 22.59
CA ILE A 283 -40.61 10.28 21.23
C ILE A 283 -41.15 8.87 21.15
N THR A 284 -42.20 8.66 20.36
CA THR A 284 -42.76 7.34 20.15
C THR A 284 -42.73 7.04 18.66
N ALA A 285 -42.30 5.84 18.32
CA ALA A 285 -42.26 5.40 16.92
C ALA A 285 -42.73 3.96 16.83
N ASP A 286 -43.03 3.51 15.61
CA ASP A 286 -43.58 2.17 15.43
C ASP A 286 -42.58 1.11 15.85
N TYR A 287 -41.30 1.37 15.55
CA TYR A 287 -40.20 0.46 15.86
C TYR A 287 -39.05 1.27 16.44
N ALA A 288 -38.14 0.58 17.15
CA ALA A 288 -36.90 1.19 17.60
C ALA A 288 -35.72 0.32 17.18
N ILE A 289 -34.62 0.97 16.80
CA ILE A 289 -33.34 0.27 16.60
C ILE A 289 -32.35 0.83 17.61
N CYS A 290 -31.98 -0.02 18.56
CA CYS A 290 -31.11 0.40 19.65
C CYS A 290 -29.66 0.01 19.37
N THR A 291 -28.83 1.01 19.08
CA THR A 291 -27.40 0.79 18.79
C THR A 291 -26.48 1.22 19.93
N ILE A 292 -27.05 1.62 21.06
CA ILE A 292 -26.26 1.95 22.24
C ILE A 292 -25.44 0.72 22.68
N PRO A 293 -24.15 0.91 23.00
CA PRO A 293 -23.33 -0.25 23.37
C PRO A 293 -23.99 -1.09 24.48
N PRO A 294 -23.87 -2.42 24.39
CA PRO A 294 -24.74 -3.29 25.20
C PRO A 294 -24.58 -3.13 26.72
N HIS A 295 -23.36 -2.85 27.19
CA HIS A 295 -23.12 -2.63 28.62
C HIS A 295 -23.78 -1.36 29.14
N LEU A 296 -24.14 -0.45 28.24
CA LEU A 296 -24.80 0.81 28.59
C LEU A 296 -26.33 0.70 28.52
N VAL A 297 -26.85 -0.28 27.79
CA VAL A 297 -28.30 -0.42 27.65
C VAL A 297 -29.00 -0.70 28.98
N GLY A 298 -28.38 -1.52 29.82
CA GLY A 298 -28.96 -1.85 31.12
C GLY A 298 -29.19 -0.67 32.03
N ARG A 299 -28.42 0.41 31.83
CA ARG A 299 -28.56 1.62 32.63
C ARG A 299 -29.84 2.38 32.32
N LEU A 300 -30.39 2.19 31.12
CA LEU A 300 -31.64 2.82 30.74
C LEU A 300 -32.78 2.25 31.56
N GLN A 301 -33.78 3.08 31.83
CA GLN A 301 -35.08 2.57 32.24
C GLN A 301 -35.63 1.78 31.06
N ASN A 302 -36.21 0.63 31.33
CA ASN A 302 -36.67 -0.24 30.27
C ASN A 302 -37.66 -1.27 30.77
N ASN A 303 -38.31 -1.94 29.81
CA ASN A 303 -39.15 -3.10 30.12
C ASN A 303 -38.75 -4.32 29.33
N LEU A 304 -37.43 -4.51 29.20
CA LEU A 304 -36.87 -5.68 28.55
C LEU A 304 -36.99 -6.89 29.46
N PRO A 305 -37.27 -8.08 28.88
CA PRO A 305 -37.32 -9.28 29.71
C PRO A 305 -35.97 -9.58 30.35
N GLY A 306 -36.02 -10.18 31.54
CA GLY A 306 -34.81 -10.49 32.29
C GLY A 306 -33.72 -11.23 31.53
N ASP A 307 -34.13 -12.15 30.65
CA ASP A 307 -33.15 -12.96 29.89
C ASP A 307 -32.44 -12.12 28.82
N VAL A 308 -33.10 -11.07 28.35
CA VAL A 308 -32.49 -10.12 27.44
C VAL A 308 -31.49 -9.22 28.19
N LEU A 309 -31.87 -8.80 29.39
CA LEU A 309 -30.98 -8.02 30.22
C LEU A 309 -29.73 -8.82 30.60
N THR A 310 -29.91 -10.11 30.84
CA THR A 310 -28.78 -11.00 31.14
C THR A 310 -27.90 -11.22 29.91
N ALA A 311 -28.52 -11.35 28.74
CA ALA A 311 -27.76 -11.55 27.49
C ALA A 311 -26.87 -10.33 27.18
N LEU A 312 -27.39 -9.13 27.40
CA LEU A 312 -26.64 -7.90 27.18
C LEU A 312 -25.35 -7.83 27.98
N LYS A 313 -25.39 -8.36 29.21
CA LYS A 313 -24.22 -8.34 30.09
C LYS A 313 -23.09 -9.26 29.63
N ALA A 314 -23.39 -10.22 28.76
CA ALA A 314 -22.37 -11.17 28.27
C ALA A 314 -21.37 -10.50 27.30
N ALA A 315 -21.76 -9.38 26.70
CA ALA A 315 -20.89 -8.62 25.79
C ALA A 315 -19.95 -7.75 26.61
N LYS A 316 -18.80 -8.29 26.97
CA LYS A 316 -17.93 -7.62 27.92
C LYS A 316 -17.16 -6.49 27.25
N PRO A 317 -17.04 -5.33 27.94
CA PRO A 317 -16.31 -4.20 27.38
C PRO A 317 -14.81 -4.44 27.36
N SER A 318 -14.11 -3.66 26.53
CA SER A 318 -12.70 -3.88 26.25
C SER A 318 -11.95 -2.54 26.26
N SER A 319 -10.67 -2.60 26.65
CA SER A 319 -9.82 -1.42 26.71
C SER A 319 -9.01 -1.24 25.42
N SER A 320 -9.01 -0.03 24.88
CA SER A 320 -8.11 0.32 23.79
C SER A 320 -8.01 1.83 23.72
N GLY A 321 -6.88 2.33 23.23
CA GLY A 321 -6.68 3.75 23.15
C GLY A 321 -5.53 4.12 22.24
N LYS A 322 -5.50 5.40 21.87
CA LYS A 322 -4.51 5.95 20.96
C LYS A 322 -4.07 7.32 21.44
N LEU A 323 -2.87 7.71 21.02
CA LEU A 323 -2.34 9.04 21.28
C LEU A 323 -1.61 9.51 20.04
N GLY A 324 -2.01 10.70 19.55
CA GLY A 324 -1.35 11.32 18.41
C GLY A 324 -0.47 12.48 18.82
N ILE A 325 0.70 12.59 18.17
CA ILE A 325 1.63 13.70 18.35
C ILE A 325 1.86 14.40 17.02
N GLU A 326 1.58 15.69 16.95
CA GLU A 326 1.95 16.48 15.78
C GLU A 326 3.39 16.93 15.91
N TYR A 327 4.21 16.50 14.94
CA TYR A 327 5.59 16.92 14.82
C TYR A 327 5.69 18.02 13.78
N SER A 328 6.58 18.98 14.02
CA SER A 328 6.84 20.07 13.09
C SER A 328 7.95 19.75 12.10
N ARG A 329 8.35 18.47 12.06
CA ARG A 329 9.35 17.99 11.12
C ARG A 329 9.04 16.53 10.88
N ARG A 330 8.95 16.11 9.62
CA ARG A 330 8.60 14.73 9.29
C ARG A 330 9.86 13.88 9.25
N TRP A 331 10.46 13.71 10.44
CA TRP A 331 11.74 13.03 10.60
C TRP A 331 11.69 11.59 10.12
N TRP A 332 10.53 10.97 10.25
CA TRP A 332 10.37 9.57 9.85
C TRP A 332 10.59 9.40 8.35
N GLU A 333 10.16 10.39 7.57
CA GLU A 333 10.40 10.41 6.13
C GLU A 333 11.82 10.90 5.80
N THR A 334 12.23 12.00 6.41
CA THR A 334 13.49 12.62 5.99
C THR A 334 14.74 11.85 6.47
N GLU A 335 14.66 11.23 7.65
CA GLU A 335 15.80 10.51 8.21
C GLU A 335 15.69 9.01 8.03
N ASP A 336 14.50 8.46 8.29
CA ASP A 336 14.32 7.00 8.33
C ASP A 336 13.73 6.43 7.04
N ARG A 337 13.41 7.31 6.09
CA ARG A 337 12.79 6.89 4.82
C ARG A 337 11.56 6.00 5.07
N ILE A 338 10.76 6.39 6.08
CA ILE A 338 9.50 5.74 6.39
C ILE A 338 8.38 6.65 5.93
N TYR A 339 7.55 6.13 5.01
CA TYR A 339 6.37 6.81 4.52
C TYR A 339 5.16 5.90 4.84
N GLY A 340 4.46 6.21 5.92
CA GLY A 340 3.37 5.38 6.40
C GLY A 340 3.82 4.07 7.00
N GLY A 341 2.85 3.22 7.32
CA GLY A 341 3.15 1.97 8.02
C GLY A 341 3.31 2.18 9.52
N ALA A 342 3.64 1.11 10.22
CA ALA A 342 3.76 1.14 11.68
C ALA A 342 4.97 0.34 12.15
N SER A 343 5.64 0.87 13.18
CA SER A 343 6.64 0.09 13.92
C SER A 343 5.89 -0.70 15.00
N ASN A 344 6.43 -1.86 15.36
CA ASN A 344 5.76 -2.80 16.24
C ASN A 344 6.69 -3.19 17.39
N THR A 345 6.11 -3.35 18.57
CA THR A 345 6.92 -3.61 19.77
C THR A 345 6.13 -4.36 20.84
N ASP A 346 6.86 -4.92 21.79
CA ASP A 346 6.27 -5.50 22.99
C ASP A 346 6.08 -4.49 24.13
N LYS A 347 6.60 -3.28 23.95
CA LYS A 347 6.40 -2.22 24.93
C LYS A 347 4.91 -1.89 25.00
N ASP A 348 4.51 -1.23 26.09
CA ASP A 348 3.11 -0.88 26.28
C ASP A 348 2.54 -0.07 25.10
N ILE A 349 3.33 0.83 24.52
CA ILE A 349 2.83 1.62 23.38
C ILE A 349 2.32 0.70 22.26
N SER A 350 2.93 -0.48 22.15
CA SER A 350 2.52 -1.56 21.23
C SER A 350 2.93 -1.33 19.77
N GLN A 351 2.62 -0.14 19.27
CA GLN A 351 2.98 0.23 17.91
C GLN A 351 2.99 1.73 17.75
N ILE A 352 3.68 2.19 16.72
CA ILE A 352 3.81 3.59 16.36
C ILE A 352 3.42 3.69 14.90
N MET A 353 2.35 4.42 14.60
CA MET A 353 1.77 4.42 13.26
C MET A 353 2.03 5.77 12.57
N PHE A 354 2.70 5.70 11.42
CA PHE A 354 3.10 6.89 10.69
C PHE A 354 2.04 7.27 9.66
N PRO A 355 1.90 8.58 9.39
CA PRO A 355 0.74 9.03 8.61
C PRO A 355 0.78 8.68 7.13
N TYR A 356 -0.43 8.56 6.57
CA TYR A 356 -0.68 8.15 5.20
C TYR A 356 -1.08 9.31 4.30
N ASP A 357 -0.87 10.53 4.80
CA ASP A 357 -1.17 11.72 4.04
C ASP A 357 -0.07 12.77 4.23
N HIS A 358 -0.15 13.83 3.45
CA HIS A 358 0.82 14.93 3.50
C HIS A 358 2.26 14.43 3.33
N TYR A 359 2.45 13.41 2.50
CA TYR A 359 3.78 12.90 2.25
C TYR A 359 4.69 14.02 1.75
N ASN A 360 5.92 14.04 2.25
CA ASN A 360 6.94 15.03 1.88
C ASN A 360 6.67 16.47 2.35
N SER A 361 5.65 16.66 3.19
CA SER A 361 5.30 17.99 3.66
C SER A 361 6.15 18.41 4.89
N ASP A 362 5.72 19.47 5.57
CA ASP A 362 6.54 20.07 6.63
C ASP A 362 6.20 19.63 8.06
N ARG A 363 5.13 18.88 8.23
CA ARG A 363 4.65 18.52 9.56
C ARG A 363 3.73 17.31 9.41
N GLY A 364 3.43 16.65 10.51
CA GLY A 364 2.53 15.50 10.49
C GLY A 364 2.19 14.97 11.85
N VAL A 365 1.11 14.19 11.92
CA VAL A 365 0.70 13.53 13.16
C VAL A 365 1.09 12.06 13.12
N VAL A 366 1.80 11.62 14.15
CA VAL A 366 2.18 10.22 14.35
C VAL A 366 1.31 9.65 15.46
N VAL A 367 0.77 8.46 15.25
CA VAL A 367 0.04 7.76 16.31
C VAL A 367 1.07 7.07 17.19
N ALA A 368 1.42 7.74 18.28
CA ALA A 368 2.53 7.33 19.16
C ALA A 368 2.23 6.06 19.94
N TYR A 369 0.95 5.76 20.14
CA TYR A 369 0.56 4.43 20.57
C TYR A 369 -0.83 4.08 20.10
N TYR A 370 -1.02 2.80 19.86
CA TYR A 370 -2.33 2.21 19.71
C TYR A 370 -2.27 0.84 20.36
N SER A 371 -2.77 0.78 21.60
CA SER A 371 -2.66 -0.41 22.42
C SER A 371 -4.02 -0.84 22.91
N SER A 372 -4.11 -2.10 23.30
CA SER A 372 -5.35 -2.69 23.77
C SER A 372 -5.06 -3.66 24.91
N GLY A 373 -6.11 -3.99 25.66
CA GLY A 373 -5.99 -4.91 26.79
C GLY A 373 -5.11 -4.37 27.90
N LYS A 374 -4.28 -5.25 28.45
CA LYS A 374 -3.35 -4.89 29.51
C LYS A 374 -2.48 -3.69 29.13
N ARG A 375 -2.04 -3.66 27.88
CA ARG A 375 -1.13 -2.60 27.44
C ARG A 375 -1.85 -1.25 27.22
N GLN A 376 -3.18 -1.25 27.22
CA GLN A 376 -3.91 0.01 27.31
C GLN A 376 -4.28 0.35 28.75
N GLU A 377 -4.48 -0.66 29.60
CA GLU A 377 -4.68 -0.42 31.03
C GLU A 377 -3.50 0.33 31.64
N ALA A 378 -2.33 0.21 31.00
CA ALA A 378 -1.13 0.94 31.40
C ALA A 378 -1.22 2.44 31.15
N PHE A 379 -2.13 2.86 30.26
CA PHE A 379 -2.34 4.27 29.96
C PHE A 379 -3.63 4.85 30.54
N GLU A 380 -4.64 3.99 30.74
CA GLU A 380 -6.00 4.44 31.07
C GLU A 380 -6.08 5.45 32.21
N SER A 381 -5.39 5.16 33.31
CA SER A 381 -5.48 5.96 34.52
C SER A 381 -4.49 7.12 34.55
N LEU A 382 -3.58 7.14 33.59
CA LEU A 382 -2.63 8.23 33.45
C LEU A 382 -3.33 9.49 32.93
N THR A 383 -2.87 10.65 33.38
CA THR A 383 -3.30 11.92 32.80
C THR A 383 -2.76 11.99 31.38
N HIS A 384 -3.30 12.89 30.57
CA HIS A 384 -2.77 13.03 29.21
C HIS A 384 -1.28 13.40 29.21
N ARG A 385 -0.86 14.25 30.14
CA ARG A 385 0.54 14.60 30.23
C ARG A 385 1.41 13.37 30.50
N GLN A 386 0.93 12.52 31.40
CA GLN A 386 1.64 11.29 31.77
C GLN A 386 1.64 10.30 30.60
N ARG A 387 0.53 10.21 29.89
CA ARG A 387 0.45 9.35 28.71
C ARG A 387 1.50 9.76 27.69
N LEU A 388 1.56 11.07 27.43
CA LEU A 388 2.52 11.61 26.47
C LEU A 388 3.96 11.31 26.87
N ALA A 389 4.29 11.54 28.15
CA ALA A 389 5.66 11.28 28.62
C ALA A 389 6.06 9.82 28.42
N LYS A 390 5.14 8.92 28.73
CA LYS A 390 5.37 7.48 28.57
C LYS A 390 5.49 7.12 27.10
N ALA A 391 4.63 7.69 26.26
CA ALA A 391 4.68 7.44 24.83
C ALA A 391 6.01 7.90 24.22
N ILE A 392 6.49 9.06 24.64
CA ILE A 392 7.74 9.60 24.10
C ILE A 392 8.95 8.79 24.60
N ALA A 393 8.91 8.38 25.86
CA ALA A 393 9.99 7.55 26.42
C ALA A 393 10.10 6.24 25.67
N GLU A 394 8.98 5.53 25.53
CA GLU A 394 9.02 4.24 24.85
C GLU A 394 9.30 4.38 23.35
N GLY A 395 8.75 5.43 22.73
CA GLY A 395 9.01 5.68 21.32
C GLY A 395 10.46 6.02 21.03
N SER A 396 11.09 6.75 21.94
CA SER A 396 12.50 7.10 21.76
C SER A 396 13.41 5.86 21.83
N GLU A 397 12.97 4.85 22.58
CA GLU A 397 13.71 3.58 22.65
C GLU A 397 13.68 2.81 21.33
N ILE A 398 12.74 3.16 20.46
CA ILE A 398 12.59 2.50 19.16
C ILE A 398 13.16 3.36 18.01
N HIS A 399 12.83 4.66 18.01
CA HIS A 399 13.21 5.54 16.91
C HIS A 399 14.29 6.58 17.25
N GLY A 400 14.81 6.52 18.48
CA GLY A 400 15.92 7.39 18.88
C GLY A 400 15.51 8.74 19.44
N GLU A 401 16.51 9.56 19.70
CA GLU A 401 16.29 10.90 20.27
C GLU A 401 15.42 11.79 19.40
N LYS A 402 15.45 11.58 18.09
CA LYS A 402 14.63 12.38 17.18
C LYS A 402 13.15 12.30 17.57
N TYR A 403 12.75 11.21 18.22
CA TYR A 403 11.36 11.03 18.62
C TYR A 403 10.90 12.08 19.63
N THR A 404 11.87 12.65 20.36
CA THR A 404 11.59 13.59 21.43
C THR A 404 11.58 15.05 20.98
N ARG A 405 12.00 15.29 19.74
CA ARG A 405 12.21 16.63 19.22
C ARG A 405 11.11 17.04 18.25
N ASP A 406 10.95 18.34 18.07
CA ASP A 406 10.01 18.92 17.12
C ASP A 406 8.55 18.55 17.42
N ILE A 407 8.21 18.48 18.70
CA ILE A 407 6.85 18.16 19.12
C ILE A 407 6.01 19.42 19.28
N SER A 408 4.92 19.52 18.49
CA SER A 408 4.03 20.68 18.51
C SER A 408 2.89 20.53 19.52
N SER A 409 2.15 19.43 19.42
CA SER A 409 1.01 19.18 20.29
C SER A 409 0.64 17.70 20.29
N SER A 410 -0.34 17.33 21.10
CA SER A 410 -0.75 15.94 21.21
C SER A 410 -2.16 15.82 21.75
N PHE A 411 -2.76 14.65 21.52
CA PHE A 411 -4.13 14.40 21.92
C PHE A 411 -4.31 12.89 22.04
N SER A 412 -4.99 12.46 23.09
CA SER A 412 -5.20 11.04 23.35
C SER A 412 -6.65 10.71 23.64
N GLY A 413 -7.01 9.47 23.33
CA GLY A 413 -8.29 8.89 23.70
C GLY A 413 -8.07 7.53 24.33
N SER A 414 -8.88 7.21 25.34
CA SER A 414 -8.92 5.88 25.90
C SER A 414 -10.38 5.48 26.00
N TRP A 415 -10.76 4.49 25.21
CA TRP A 415 -12.19 4.23 24.97
C TRP A 415 -12.99 3.75 26.19
N ARG A 416 -12.35 3.07 27.15
CA ARG A 416 -12.99 2.67 28.41
CA ARG A 416 -13.05 2.67 28.38
C ARG A 416 -13.10 3.81 29.44
N ARG A 417 -12.66 4.98 29.00
CA ARG A 417 -12.79 6.19 29.82
CA ARG A 417 -12.75 6.22 29.80
C ARG A 417 -13.51 7.30 29.03
N THR A 418 -14.15 6.91 27.92
CA THR A 418 -14.80 7.86 27.03
C THR A 418 -16.33 7.77 27.14
N LYS A 419 -16.96 8.90 27.48
CA LYS A 419 -18.41 8.95 27.67
C LYS A 419 -19.16 8.52 26.42
N TYR A 420 -20.18 7.70 26.63
CA TYR A 420 -21.05 7.15 25.58
C TYR A 420 -20.38 6.05 24.75
N SER A 421 -19.22 5.60 25.23
CA SER A 421 -18.54 4.42 24.68
C SER A 421 -18.23 3.44 25.81
N GLU A 422 -17.34 3.85 26.73
CA GLU A 422 -16.91 3.03 27.86
C GLU A 422 -16.46 1.61 27.45
N SER A 423 -15.90 1.55 26.25
CA SER A 423 -15.40 0.31 25.66
C SER A 423 -14.93 0.60 24.25
N ALA A 424 -13.92 -0.14 23.81
CA ALA A 424 -13.48 -0.08 22.42
C ALA A 424 -14.35 -0.97 21.54
N TRP A 425 -14.73 -2.13 22.08
CA TRP A 425 -15.50 -3.15 21.38
C TRP A 425 -15.81 -4.28 22.36
N ALA A 426 -16.75 -5.15 22.00
CA ALA A 426 -17.20 -6.21 22.89
C ALA A 426 -16.42 -7.49 22.69
N ASN A 427 -16.30 -8.26 23.76
CA ASN A 427 -15.87 -9.65 23.71
C ASN A 427 -16.91 -10.50 24.41
N TRP A 428 -17.60 -11.33 23.65
CA TRP A 428 -18.65 -12.19 24.20
C TRP A 428 -18.05 -13.29 25.07
N ALA A 429 -18.57 -13.42 26.28
CA ALA A 429 -18.13 -14.48 27.17
C ALA A 429 -18.57 -15.83 26.60
N GLY A 430 -17.63 -16.77 26.48
CA GLY A 430 -17.92 -18.07 25.84
C GLY A 430 -17.65 -18.13 24.34
N SER A 431 -17.01 -17.09 23.80
CA SER A 431 -16.70 -17.04 22.36
C SER A 431 -15.44 -17.85 22.06
N ALA A 439 -21.46 -18.88 17.38
CA ALA A 439 -22.05 -17.81 18.18
C ALA A 439 -22.41 -18.31 19.57
N THR A 440 -22.36 -17.40 20.54
CA THR A 440 -22.77 -17.72 21.90
C THR A 440 -24.29 -17.60 22.02
N PRO A 441 -24.87 -18.20 23.07
CA PRO A 441 -26.32 -18.14 23.19
C PRO A 441 -26.84 -16.73 23.44
N GLU A 442 -26.05 -15.91 24.12
CA GLU A 442 -26.44 -14.54 24.44
C GLU A 442 -26.46 -13.69 23.17
N TYR A 443 -25.45 -13.90 22.32
CA TYR A 443 -25.39 -13.23 21.02
C TYR A 443 -26.61 -13.59 20.18
N GLU A 444 -26.93 -14.89 20.12
CA GLU A 444 -28.06 -15.35 19.32
C GLU A 444 -29.37 -14.75 19.84
N LYS A 445 -29.51 -14.71 21.16
CA LYS A 445 -30.73 -14.19 21.78
C LYS A 445 -30.99 -12.74 21.35
N LEU A 446 -29.92 -11.96 21.27
CA LEU A 446 -30.05 -10.53 21.04
C LEU A 446 -30.22 -10.19 19.56
N LEU A 447 -30.20 -11.19 18.70
CA LEU A 447 -30.58 -11.03 17.29
C LEU A 447 -32.11 -10.96 17.11
N GLU A 448 -32.84 -11.48 18.10
CA GLU A 448 -34.29 -11.51 18.06
C GLU A 448 -34.85 -10.16 18.46
N PRO A 449 -35.93 -9.72 17.79
CA PRO A 449 -36.59 -8.52 18.29
C PRO A 449 -37.20 -8.75 19.66
N VAL A 450 -37.27 -7.69 20.46
CA VAL A 450 -38.02 -7.69 21.70
C VAL A 450 -39.29 -6.90 21.42
N ASP A 451 -40.31 -7.60 20.92
CA ASP A 451 -41.52 -6.98 20.37
C ASP A 451 -41.17 -6.01 19.21
N LYS A 452 -41.15 -4.70 19.48
CA LYS A 452 -40.86 -3.70 18.43
C LYS A 452 -39.45 -3.09 18.57
N ILE A 453 -38.64 -3.63 19.47
CA ILE A 453 -37.26 -3.17 19.69
C ILE A 453 -36.27 -4.13 19.03
N TYR A 454 -35.40 -3.59 18.19
CA TYR A 454 -34.31 -4.36 17.58
C TYR A 454 -32.98 -3.81 18.06
N PHE A 455 -32.05 -4.71 18.39
CA PHE A 455 -30.68 -4.30 18.68
C PHE A 455 -29.84 -4.40 17.42
N ALA A 456 -28.95 -3.43 17.25
CA ALA A 456 -27.98 -3.46 16.15
C ALA A 456 -26.66 -2.85 16.62
N GLY A 457 -25.56 -3.26 15.99
CA GLY A 457 -24.25 -2.72 16.30
C GLY A 457 -23.16 -3.73 15.96
N ASP A 458 -21.90 -3.30 16.00
CA ASP A 458 -20.82 -4.22 15.60
C ASP A 458 -20.69 -5.45 16.51
N HIS A 459 -21.21 -5.35 17.73
CA HIS A 459 -21.18 -6.51 18.66
C HIS A 459 -22.12 -7.65 18.23
N LEU A 460 -23.10 -7.34 17.39
CA LEU A 460 -24.03 -8.35 16.90
C LEU A 460 -23.69 -8.73 15.46
N SER A 461 -22.38 -8.86 15.22
CA SER A 461 -21.86 -9.27 13.93
C SER A 461 -20.69 -10.19 14.12
N ASN A 462 -20.22 -10.73 13.00
CA ASN A 462 -19.02 -11.54 12.93
C ASN A 462 -17.82 -10.72 12.43
N ALA A 463 -17.92 -9.41 12.62
CA ALA A 463 -16.84 -8.48 12.34
C ALA A 463 -16.83 -7.41 13.43
N ILE A 464 -16.78 -7.87 14.67
CA ILE A 464 -16.70 -6.98 15.82
C ILE A 464 -15.43 -6.12 15.70
N ALA A 465 -15.54 -4.84 16.06
CA ALA A 465 -14.44 -3.88 15.94
C ALA A 465 -14.10 -3.57 14.48
N TRP A 466 -15.10 -3.70 13.61
CA TRP A 466 -15.03 -3.20 12.25
C TRP A 466 -16.32 -2.47 11.93
N GLN A 467 -16.21 -1.38 11.18
CA GLN A 467 -17.40 -0.69 10.69
C GLN A 467 -18.28 -1.64 9.86
N HIS A 468 -17.67 -2.57 9.14
CA HIS A 468 -18.41 -3.57 8.37
C HIS A 468 -19.43 -4.29 9.26
N GLY A 469 -19.01 -4.64 10.47
CA GLY A 469 -19.91 -5.30 11.42
C GLY A 469 -21.13 -4.47 11.76
N ALA A 470 -20.91 -3.20 12.07
CA ALA A 470 -22.00 -2.27 12.41
C ALA A 470 -22.93 -2.06 11.22
N LEU A 471 -22.35 -1.92 10.03
CA LEU A 471 -23.10 -1.62 8.83
C LEU A 471 -23.93 -2.83 8.38
N THR A 472 -23.33 -4.02 8.41
CA THR A 472 -24.11 -5.22 8.05
C THR A 472 -25.19 -5.54 9.09
N SER A 473 -24.95 -5.18 10.34
CA SER A 473 -25.97 -5.33 11.39
C SER A 473 -27.15 -4.41 11.13
N ALA A 474 -26.86 -3.14 10.84
CA ALA A 474 -27.89 -2.17 10.46
C ALA A 474 -28.73 -2.67 9.29
N ARG A 475 -28.05 -3.13 8.24
CA ARG A 475 -28.75 -3.55 7.02
C ARG A 475 -29.65 -4.76 7.29
N ASP A 476 -29.16 -5.72 8.08
CA ASP A 476 -29.95 -6.90 8.43
C ASP A 476 -31.20 -6.50 9.24
N VAL A 477 -31.03 -5.59 10.19
CA VAL A 477 -32.14 -5.16 11.05
C VAL A 477 -33.18 -4.36 10.28
N VAL A 478 -32.73 -3.49 9.38
CA VAL A 478 -33.63 -2.73 8.52
C VAL A 478 -34.42 -3.66 7.60
N THR A 479 -33.75 -4.71 7.12
CA THR A 479 -34.41 -5.71 6.28
C THR A 479 -35.49 -6.47 7.05
N HIS A 480 -35.19 -6.80 8.30
CA HIS A 480 -36.17 -7.51 9.14
C HIS A 480 -37.39 -6.63 9.38
N ILE A 481 -37.16 -5.37 9.72
CA ILE A 481 -38.27 -4.44 9.97
C ILE A 481 -39.12 -4.28 8.72
N HIS A 482 -38.48 -4.14 7.58
CA HIS A 482 -39.19 -3.93 6.32
C HIS A 482 -40.05 -5.15 5.99
N GLU A 483 -39.49 -6.34 6.15
CA GLU A 483 -40.21 -7.58 5.84
C GLU A 483 -41.40 -7.77 6.78
N ARG A 484 -41.27 -7.27 8.00
CA ARG A 484 -42.32 -7.35 8.99
C ARG A 484 -43.44 -6.35 8.67
N VAL A 485 -43.05 -5.15 8.28
CA VAL A 485 -44.01 -4.13 7.85
C VAL A 485 -44.77 -4.57 6.59
N ALA A 486 -44.08 -5.30 5.71
CA ALA A 486 -44.68 -5.79 4.46
C ALA A 486 -45.62 -6.98 4.67
N GLN A 487 -45.54 -7.60 5.84
CA GLN A 487 -46.24 -8.86 6.16
C GLN A 487 -45.60 -10.02 5.39
N GLU A 488 -45.97 -10.35 4.25
N ASP B 3 22.77 21.45 -0.74
CA ASP B 3 23.15 21.80 -2.14
C ASP B 3 24.15 20.80 -2.70
N LEU B 4 23.98 20.44 -3.97
CA LEU B 4 24.87 19.49 -4.63
C LEU B 4 26.29 20.06 -4.76
N ILE B 5 26.34 21.28 -5.29
CA ILE B 5 27.60 21.99 -5.53
C ILE B 5 27.46 23.45 -5.14
N GLY B 6 28.59 24.08 -4.84
CA GLY B 6 28.61 25.52 -4.61
C GLY B 6 28.35 26.32 -5.89
N LYS B 7 28.38 27.64 -5.75
CA LYS B 7 28.21 28.54 -6.88
C LYS B 7 29.46 28.57 -7.75
N VAL B 8 29.26 28.47 -9.05
CA VAL B 8 30.39 28.53 -9.97
C VAL B 8 30.84 29.97 -10.12
N LYS B 9 32.16 30.15 -10.27
CA LYS B 9 32.76 31.46 -10.46
C LYS B 9 32.97 31.70 -11.94
N GLY B 10 32.50 32.84 -12.43
CA GLY B 10 32.68 33.20 -13.84
C GLY B 10 31.66 32.57 -14.76
N SER B 11 31.94 32.65 -16.06
CA SER B 11 31.00 32.24 -17.10
C SER B 11 31.36 30.87 -17.62
N HIS B 12 30.41 29.92 -17.49
CA HIS B 12 30.63 28.55 -17.93
C HIS B 12 29.33 27.98 -18.46
N SER B 13 29.41 27.31 -19.61
CA SER B 13 28.24 26.79 -20.32
C SER B 13 28.27 25.29 -20.50
N VAL B 14 27.09 24.69 -20.50
CA VAL B 14 26.93 23.26 -20.73
C VAL B 14 25.75 23.03 -21.68
N VAL B 15 25.95 22.14 -22.65
CA VAL B 15 24.82 21.70 -23.50
C VAL B 15 24.46 20.27 -23.11
N VAL B 16 23.18 20.08 -22.81
CA VAL B 16 22.66 18.79 -22.34
C VAL B 16 21.85 18.13 -23.46
N LEU B 17 22.30 16.97 -23.91
CA LEU B 17 21.63 16.25 -24.98
C LEU B 17 20.64 15.27 -24.35
N GLY B 18 19.35 15.54 -24.57
CA GLY B 18 18.27 14.75 -24.02
C GLY B 18 17.67 15.42 -22.80
N GLY B 19 16.35 15.55 -22.82
CA GLY B 19 15.57 16.11 -21.72
C GLY B 19 14.71 15.08 -21.03
N GLY B 20 15.28 13.88 -20.84
CA GLY B 20 14.75 12.92 -19.90
C GLY B 20 15.21 13.23 -18.48
N PRO B 21 15.03 12.26 -17.57
CA PRO B 21 15.37 12.53 -16.18
C PRO B 21 16.84 12.94 -15.97
N ALA B 22 17.79 12.26 -16.61
CA ALA B 22 19.20 12.61 -16.40
C ALA B 22 19.52 14.00 -16.93
N GLY B 23 18.97 14.32 -18.10
CA GLY B 23 19.25 15.61 -18.73
C GLY B 23 18.63 16.76 -17.96
N LEU B 24 17.37 16.60 -17.58
CA LEU B 24 16.68 17.67 -16.85
C LEU B 24 17.25 17.84 -15.46
N CYS B 25 17.62 16.75 -14.78
CA CYS B 25 18.26 16.87 -13.48
C CYS B 25 19.62 17.57 -13.60
N SER B 26 20.39 17.21 -14.61
CA SER B 26 21.69 17.86 -14.86
C SER B 26 21.51 19.37 -15.05
N ALA B 27 20.57 19.75 -15.91
CA ALA B 27 20.35 21.17 -16.22
C ALA B 27 19.86 21.93 -15.00
N PHE B 28 18.98 21.29 -14.23
CA PHE B 28 18.44 21.89 -13.03
C PHE B 28 19.55 22.21 -12.02
N GLU B 29 20.41 21.24 -11.77
CA GLU B 29 21.49 21.40 -10.78
C GLU B 29 22.58 22.38 -11.26
N LEU B 30 22.92 22.31 -12.55
CA LEU B 30 23.90 23.26 -13.11
C LEU B 30 23.38 24.70 -13.08
N GLN B 31 22.11 24.88 -13.38
CA GLN B 31 21.49 26.20 -13.34
C GLN B 31 21.47 26.78 -11.92
N LYS B 32 21.18 25.92 -10.94
CA LYS B 32 21.20 26.34 -9.54
C LYS B 32 22.56 26.93 -9.16
N ALA B 33 23.62 26.36 -9.73
CA ALA B 33 24.99 26.74 -9.39
C ALA B 33 25.51 27.91 -10.23
N GLY B 34 24.70 28.40 -11.18
CA GLY B 34 25.05 29.57 -11.96
C GLY B 34 25.65 29.31 -13.33
N TYR B 35 25.54 28.07 -13.82
CA TYR B 35 25.97 27.77 -15.17
C TYR B 35 24.93 28.22 -16.19
N LYS B 36 25.40 28.56 -17.39
CA LYS B 36 24.55 28.67 -18.55
C LYS B 36 24.30 27.25 -19.07
N VAL B 37 23.03 26.89 -19.22
CA VAL B 37 22.65 25.56 -19.67
C VAL B 37 21.61 25.62 -20.79
N THR B 38 21.75 24.73 -21.76
CA THR B 38 20.75 24.54 -22.81
C THR B 38 20.50 23.05 -22.95
N VAL B 39 19.22 22.65 -22.86
CA VAL B 39 18.82 21.25 -23.06
C VAL B 39 18.24 21.09 -24.45
N LEU B 40 18.68 20.06 -25.16
CA LEU B 40 18.15 19.71 -26.49
C LEU B 40 17.40 18.39 -26.40
N GLU B 41 16.10 18.43 -26.63
CA GLU B 41 15.24 17.24 -26.50
C GLU B 41 14.55 16.98 -27.82
N ALA B 42 14.68 15.76 -28.34
CA ALA B 42 14.11 15.41 -29.66
C ALA B 42 12.59 15.37 -29.66
N ARG B 43 11.99 14.93 -28.56
CA ARG B 43 10.53 14.85 -28.46
C ARG B 43 9.91 16.21 -28.19
N THR B 44 8.58 16.24 -28.22
CA THR B 44 7.83 17.45 -27.89
C THR B 44 7.24 17.37 -26.48
N ARG B 45 7.87 16.56 -25.63
CA ARG B 45 7.54 16.45 -24.22
C ARG B 45 8.83 16.21 -23.44
N PRO B 46 8.86 16.60 -22.16
CA PRO B 46 9.97 16.28 -21.26
C PRO B 46 9.76 14.92 -20.61
N GLY B 47 10.85 14.20 -20.30
CA GLY B 47 10.72 12.98 -19.50
C GLY B 47 11.22 11.67 -20.10
N GLY B 48 11.34 11.60 -21.42
CA GLY B 48 11.93 10.43 -22.06
C GLY B 48 11.17 9.14 -21.82
N ARG B 49 11.81 8.17 -21.17
CA ARG B 49 11.16 6.91 -20.85
C ARG B 49 10.15 7.06 -19.71
N VAL B 50 10.11 8.23 -19.06
CA VAL B 50 9.00 8.59 -18.20
C VAL B 50 7.96 9.26 -19.09
N TRP B 51 6.92 8.48 -19.43
CA TRP B 51 5.91 8.86 -20.40
C TRP B 51 4.56 8.46 -19.84
N THR B 52 3.63 9.41 -19.77
CA THR B 52 2.29 9.17 -19.23
C THR B 52 1.26 9.43 -20.33
N ALA B 53 0.50 8.39 -20.69
CA ALA B 53 -0.49 8.47 -21.78
C ALA B 53 -1.81 9.01 -21.24
N ARG B 54 -2.30 10.09 -21.87
CA ARG B 54 -3.58 10.69 -21.56
C ARG B 54 -4.35 10.93 -22.84
N GLY B 55 -5.61 11.35 -22.70
CA GLY B 55 -6.41 11.73 -23.86
C GLY B 55 -5.74 12.86 -24.63
N GLY B 56 -5.60 12.66 -25.93
CA GLY B 56 -4.86 13.58 -26.79
C GLY B 56 -3.45 13.14 -27.12
N SER B 57 -2.88 12.25 -26.32
CA SER B 57 -1.52 11.72 -26.58
C SER B 57 -1.50 11.02 -27.94
N GLU B 58 -0.55 11.38 -28.79
CA GLU B 58 -0.38 10.73 -30.09
C GLU B 58 1.06 10.28 -30.24
N GLU B 59 1.26 9.07 -30.74
CA GLU B 59 2.60 8.53 -30.96
C GLU B 59 2.63 7.73 -32.25
N THR B 60 3.63 8.00 -33.09
CA THR B 60 3.92 7.18 -34.25
C THR B 60 5.18 6.37 -33.99
N ASP B 61 5.03 5.04 -33.98
CA ASP B 61 6.16 4.16 -33.65
C ASP B 61 7.04 3.88 -34.88
N LEU B 62 8.10 3.11 -34.68
CA LEU B 62 9.09 2.89 -35.74
C LEU B 62 8.57 2.03 -36.91
N SER B 63 7.40 1.41 -36.74
CA SER B 63 6.73 0.68 -37.83
CA SER B 63 6.75 0.69 -37.84
C SER B 63 5.83 1.59 -38.63
N GLY B 64 5.69 2.85 -38.19
CA GLY B 64 4.85 3.81 -38.88
C GLY B 64 3.38 3.81 -38.45
N GLU B 65 3.08 3.06 -37.39
CA GLU B 65 1.73 3.03 -36.85
C GLU B 65 1.54 4.20 -35.88
N THR B 66 0.45 4.94 -36.08
CA THR B 66 0.11 6.07 -35.23
C THR B 66 -1.08 5.72 -34.35
N GLN B 67 -0.87 5.82 -33.04
CA GLN B 67 -1.94 5.65 -32.07
C GLN B 67 -2.33 7.00 -31.50
N LYS B 68 -3.62 7.21 -31.30
CA LYS B 68 -4.17 8.39 -30.64
C LYS B 68 -4.91 7.95 -29.39
N CYS B 69 -4.44 8.37 -28.23
CA CYS B 69 -5.08 8.05 -26.96
C CYS B 69 -6.33 8.89 -26.81
N THR B 70 -7.41 8.26 -26.33
CA THR B 70 -8.68 8.94 -26.09
C THR B 70 -9.21 8.67 -24.68
N PHE B 71 -8.30 8.47 -23.72
CA PHE B 71 -8.73 8.29 -22.34
C PHE B 71 -9.54 9.49 -21.87
N SER B 72 -10.47 9.21 -20.98
CA SER B 72 -11.29 10.25 -20.36
C SER B 72 -10.43 11.24 -19.57
N GLU B 73 -10.94 12.46 -19.43
CA GLU B 73 -10.23 13.52 -18.72
C GLU B 73 -9.83 13.08 -17.31
N GLY B 74 -8.54 13.25 -17.01
CA GLY B 74 -7.99 12.88 -15.70
C GLY B 74 -7.48 11.46 -15.57
N HIS B 75 -7.78 10.64 -16.57
CA HIS B 75 -7.39 9.24 -16.60
C HIS B 75 -6.15 9.01 -17.46
N PHE B 76 -5.29 8.15 -16.99
CA PHE B 76 -3.97 7.96 -17.60
C PHE B 76 -3.37 6.63 -17.19
N TYR B 77 -2.29 6.25 -17.86
CA TYR B 77 -1.38 5.29 -17.25
C TYR B 77 0.05 5.60 -17.67
N ASN B 78 0.97 5.22 -16.79
CA ASN B 78 2.40 5.37 -17.04
C ASN B 78 2.89 4.28 -17.98
N VAL B 79 3.32 4.68 -19.18
CA VAL B 79 3.80 3.74 -20.20
C VAL B 79 5.22 3.24 -19.84
N GLY B 80 5.98 4.08 -19.16
CA GLY B 80 7.29 3.70 -18.61
C GLY B 80 7.24 3.70 -17.09
N ALA B 81 8.09 4.53 -16.48
CA ALA B 81 8.22 4.57 -15.02
C ALA B 81 6.88 4.79 -14.32
N THR B 82 6.63 4.00 -13.27
CA THR B 82 5.35 4.07 -12.56
C THR B 82 5.42 3.97 -11.03
N ARG B 83 6.48 3.37 -10.48
CA ARG B 83 6.55 3.12 -9.04
C ARG B 83 7.92 3.49 -8.47
N ILE B 84 7.93 3.90 -7.20
CA ILE B 84 9.15 4.40 -6.57
C ILE B 84 9.26 3.88 -5.14
N PRO B 85 10.39 3.22 -4.81
CA PRO B 85 10.63 2.79 -3.43
C PRO B 85 11.12 3.94 -2.56
N GLN B 86 11.05 3.76 -1.24
CA GLN B 86 11.26 4.83 -0.28
C GLN B 86 12.70 5.35 -0.23
N SER B 87 13.66 4.55 -0.69
CA SER B 87 15.08 4.94 -0.61
C SER B 87 15.55 5.79 -1.80
N HIS B 88 14.72 5.89 -2.84
CA HIS B 88 15.16 6.54 -4.08
C HIS B 88 15.12 8.06 -4.02
N ILE B 89 16.16 8.67 -4.59
CA ILE B 89 16.29 10.13 -4.61
C ILE B 89 15.19 10.79 -5.45
N THR B 90 14.49 9.98 -6.22
CA THR B 90 13.29 10.43 -6.93
C THR B 90 12.30 11.07 -5.96
N LEU B 91 12.17 10.51 -4.76
CA LEU B 91 11.24 11.07 -3.77
C LEU B 91 11.73 12.43 -3.25
N ASP B 92 13.04 12.55 -3.08
CA ASP B 92 13.63 13.82 -2.66
C ASP B 92 13.36 14.91 -3.70
N TYR B 93 13.46 14.56 -4.98
CA TYR B 93 13.17 15.51 -6.03
C TYR B 93 11.67 15.85 -6.11
N CYS B 94 10.81 14.91 -5.77
CA CYS B 94 9.38 15.22 -5.72
C CYS B 94 9.13 16.28 -4.66
N ARG B 95 9.82 16.17 -3.52
CA ARG B 95 9.67 17.18 -2.47
C ARG B 95 10.20 18.54 -2.92
N GLU B 96 11.40 18.53 -3.49
CA GLU B 96 12.04 19.75 -3.96
C GLU B 96 11.19 20.46 -5.02
N LEU B 97 10.53 19.68 -5.88
CA LEU B 97 9.76 20.21 -7.01
C LEU B 97 8.29 20.46 -6.68
N GLY B 98 7.84 20.05 -5.49
CA GLY B 98 6.44 20.24 -5.10
C GLY B 98 5.48 19.31 -5.80
N VAL B 99 5.95 18.12 -6.15
CA VAL B 99 5.15 17.15 -6.88
C VAL B 99 4.54 16.15 -5.91
N GLU B 100 3.22 16.22 -5.74
CA GLU B 100 2.52 15.38 -4.78
C GLU B 100 2.63 13.89 -5.11
N ILE B 101 2.93 13.09 -4.09
CA ILE B 101 2.98 11.65 -4.24
C ILE B 101 1.86 10.96 -3.46
N GLN B 102 1.57 9.74 -3.88
CA GLN B 102 0.57 8.90 -3.24
C GLN B 102 1.11 7.46 -3.17
N GLY B 103 0.43 6.62 -2.39
CA GLY B 103 0.78 5.22 -2.33
C GLY B 103 0.54 4.51 -3.65
N PHE B 104 1.48 3.64 -4.03
CA PHE B 104 1.33 2.76 -5.18
C PHE B 104 1.11 1.34 -4.69
N GLY B 105 0.05 0.69 -5.14
CA GLY B 105 -0.26 -0.68 -4.72
C GLY B 105 0.61 -1.68 -5.43
N ASN B 106 1.69 -2.09 -4.77
CA ASN B 106 2.63 -3.06 -5.34
C ASN B 106 2.48 -4.47 -4.77
N GLN B 107 1.54 -4.63 -3.85
CA GLN B 107 1.22 -5.93 -3.26
C GLN B 107 -0.25 -5.92 -2.93
N ASN B 108 -0.96 -6.97 -3.29
CA ASN B 108 -2.38 -7.04 -2.99
C ASN B 108 -2.82 -8.49 -2.82
N ALA B 109 -3.42 -8.75 -1.67
CA ALA B 109 -3.96 -10.06 -1.31
C ALA B 109 -5.06 -10.55 -2.25
N ASN B 110 -5.77 -9.62 -2.89
CA ASN B 110 -6.95 -9.95 -3.68
C ASN B 110 -6.71 -10.12 -5.18
N THR B 111 -5.55 -9.72 -5.69
CA THR B 111 -5.22 -9.97 -7.09
C THR B 111 -4.81 -11.43 -7.26
N PHE B 112 -4.77 -11.87 -8.51
CA PHE B 112 -4.70 -13.31 -8.81
C PHE B 112 -3.31 -13.69 -9.27
N VAL B 113 -2.98 -14.96 -9.04
CA VAL B 113 -1.92 -15.64 -9.75
C VAL B 113 -2.55 -16.71 -10.65
N ASN B 114 -1.92 -16.98 -11.78
CA ASN B 114 -2.47 -17.90 -12.77
C ASN B 114 -1.36 -18.46 -13.64
N TYR B 115 -1.03 -19.74 -13.41
CA TYR B 115 0.08 -20.40 -14.07
C TYR B 115 -0.33 -21.74 -14.66
N GLN B 116 0.40 -22.14 -15.70
CA GLN B 116 0.28 -23.47 -16.26
C GLN B 116 1.11 -24.44 -15.42
N SER B 117 0.61 -25.67 -15.29
CA SER B 117 1.33 -26.73 -14.58
C SER B 117 0.71 -28.06 -14.95
N ASP B 118 1.34 -29.14 -14.48
CA ASP B 118 0.79 -30.50 -14.66
C ASP B 118 -0.07 -30.86 -13.44
N THR B 119 -0.98 -29.96 -13.08
CA THR B 119 -1.88 -30.13 -11.96
C THR B 119 -3.24 -29.60 -12.38
N SER B 120 -4.25 -29.80 -11.56
CA SER B 120 -5.57 -29.26 -11.88
C SER B 120 -5.64 -27.75 -11.69
N LEU B 121 -4.61 -27.15 -11.08
CA LEU B 121 -4.55 -25.70 -10.91
C LEU B 121 -4.10 -24.99 -12.18
N SER B 122 -3.70 -25.78 -13.19
CA SER B 122 -3.19 -25.21 -14.43
C SER B 122 -4.19 -24.25 -15.06
N GLY B 123 -3.79 -23.00 -15.19
CA GLY B 123 -4.65 -21.97 -15.78
C GLY B 123 -5.77 -21.46 -14.89
N GLN B 124 -5.75 -21.87 -13.62
CA GLN B 124 -6.76 -21.49 -12.64
C GLN B 124 -6.29 -20.25 -11.90
N SER B 125 -7.17 -19.27 -11.76
CA SER B 125 -6.85 -18.07 -10.97
C SER B 125 -7.04 -18.34 -9.48
N VAL B 126 -6.05 -17.95 -8.70
CA VAL B 126 -6.06 -18.12 -7.24
C VAL B 126 -5.62 -16.77 -6.66
N THR B 127 -6.33 -16.28 -5.66
CA THR B 127 -5.89 -15.02 -5.04
C THR B 127 -4.54 -15.21 -4.37
N TYR B 128 -3.78 -14.12 -4.26
CA TYR B 128 -2.54 -14.15 -3.53
C TYR B 128 -2.74 -14.63 -2.09
N ARG B 129 -3.80 -14.18 -1.42
CA ARG B 129 -3.97 -14.57 -0.01
C ARG B 129 -4.21 -16.07 0.14
N ALA B 130 -4.95 -16.67 -0.79
CA ALA B 130 -5.19 -18.10 -0.77
C ALA B 130 -3.90 -18.86 -1.08
N ALA B 131 -3.19 -18.41 -2.10
CA ALA B 131 -1.93 -19.04 -2.49
C ALA B 131 -0.87 -18.95 -1.38
N LYS B 132 -0.78 -17.78 -0.76
CA LYS B 132 0.17 -17.57 0.34
C LYS B 132 -0.18 -18.42 1.56
N ALA B 133 -1.46 -18.45 1.91
CA ALA B 133 -1.90 -19.22 3.09
C ALA B 133 -1.56 -20.70 2.93
N ASP B 134 -1.81 -21.23 1.73
CA ASP B 134 -1.51 -22.64 1.48
C ASP B 134 0.00 -22.89 1.45
N THR B 135 0.73 -22.03 0.76
CA THR B 135 2.17 -22.21 0.61
C THR B 135 2.87 -22.12 1.96
N PHE B 136 2.57 -21.08 2.72
CA PHE B 136 3.19 -20.89 4.02
C PHE B 136 2.64 -21.85 5.07
N GLY B 137 1.39 -22.27 4.89
CA GLY B 137 0.81 -23.29 5.77
C GLY B 137 1.57 -24.61 5.66
N TYR B 138 1.72 -25.10 4.44
CA TYR B 138 2.42 -26.37 4.26
C TYR B 138 3.92 -26.27 4.53
N MET B 139 4.54 -25.15 4.16
CA MET B 139 5.97 -24.95 4.42
C MET B 139 6.23 -24.99 5.94
N SER B 140 5.36 -24.31 6.70
CA SER B 140 5.46 -24.31 8.15
C SER B 140 5.22 -25.69 8.76
N GLU B 141 4.22 -26.40 8.24
CA GLU B 141 3.93 -27.76 8.70
C GLU B 141 5.14 -28.66 8.45
N LEU B 142 5.74 -28.55 7.27
CA LEU B 142 6.88 -29.41 6.93
C LEU B 142 8.08 -29.11 7.82
N LEU B 143 8.38 -27.84 8.05
CA LEU B 143 9.54 -27.51 8.88
C LEU B 143 9.30 -27.85 10.35
N LYS B 144 8.05 -27.74 10.80
CA LYS B 144 7.73 -28.11 12.18
C LYS B 144 7.84 -29.62 12.35
N LYS B 145 7.43 -30.36 11.32
CA LYS B 145 7.51 -31.82 11.33
C LYS B 145 8.97 -32.27 11.42
N ALA B 146 9.82 -31.68 10.59
CA ALA B 146 11.25 -32.00 10.60
C ALA B 146 11.87 -31.68 11.95
N THR B 147 11.49 -30.54 12.52
CA THR B 147 12.00 -30.11 13.81
C THR B 147 11.58 -31.08 14.92
N ASP B 148 10.30 -31.46 14.92
CA ASP B 148 9.78 -32.36 15.94
C ASP B 148 10.40 -33.76 15.81
N GLN B 149 10.69 -34.17 14.58
CA GLN B 149 11.29 -35.49 14.30
C GLN B 149 12.73 -35.60 14.78
N GLY B 150 13.35 -34.44 14.98
CA GLY B 150 14.74 -34.36 15.40
C GLY B 150 15.74 -34.22 14.27
N ALA B 151 15.25 -33.83 13.09
CA ALA B 151 16.12 -33.69 11.92
C ALA B 151 17.09 -32.52 12.04
N LEU B 152 16.75 -31.55 12.88
CA LEU B 152 17.56 -30.36 13.05
C LEU B 152 18.22 -30.27 14.43
N ASP B 153 18.37 -31.43 15.08
CA ASP B 153 18.91 -31.45 16.44
C ASP B 153 20.40 -31.09 16.52
N GLN B 154 21.12 -31.22 15.41
CA GLN B 154 22.54 -30.87 15.40
C GLN B 154 22.79 -29.37 15.29
N VAL B 155 21.79 -28.62 14.84
CA VAL B 155 21.95 -27.19 14.63
C VAL B 155 20.99 -26.33 15.47
N LEU B 156 19.98 -26.94 16.08
CA LEU B 156 19.04 -26.23 16.97
C LEU B 156 19.04 -26.86 18.34
N SER B 157 19.10 -26.04 19.38
CA SER B 157 18.94 -26.50 20.76
C SER B 157 17.45 -26.71 21.05
N ARG B 158 17.16 -27.28 22.22
CA ARG B 158 15.77 -27.48 22.63
C ARG B 158 15.01 -26.15 22.64
N GLU B 159 15.66 -25.10 23.12
CA GLU B 159 15.05 -23.78 23.19
C GLU B 159 14.86 -23.19 21.80
N ASP B 160 15.83 -23.40 20.91
CA ASP B 160 15.72 -22.93 19.53
C ASP B 160 14.53 -23.59 18.85
N LYS B 161 14.43 -24.91 19.02
CA LYS B 161 13.34 -25.70 18.43
C LYS B 161 11.97 -25.22 18.93
N ASP B 162 11.87 -24.93 20.22
CA ASP B 162 10.61 -24.45 20.79
C ASP B 162 10.23 -23.08 20.24
N ALA B 163 11.24 -22.21 20.09
CA ALA B 163 11.01 -20.86 19.58
C ALA B 163 10.63 -20.91 18.11
N LEU B 164 11.30 -21.79 17.36
CA LEU B 164 10.98 -21.95 15.94
C LEU B 164 9.57 -22.52 15.77
N SER B 165 9.23 -23.54 16.55
CA SER B 165 7.91 -24.16 16.46
C SER B 165 6.81 -23.14 16.69
N GLU B 166 6.98 -22.31 17.71
CA GLU B 166 5.99 -21.28 18.03
C GLU B 166 5.77 -20.36 16.83
N PHE B 167 6.86 -19.90 16.23
CA PHE B 167 6.77 -19.04 15.05
C PHE B 167 6.05 -19.76 13.91
N LEU B 168 6.41 -21.01 13.67
CA LEU B 168 5.82 -21.76 12.56
C LEU B 168 4.32 -21.98 12.73
N SER B 169 3.89 -22.21 13.97
CA SER B 169 2.46 -22.40 14.22
C SER B 169 1.68 -21.12 13.89
N ASP B 170 2.27 -19.99 14.26
CA ASP B 170 1.69 -18.66 14.00
C ASP B 170 1.75 -18.33 12.50
N PHE B 171 2.94 -18.42 11.93
CA PHE B 171 3.16 -18.04 10.54
C PHE B 171 2.35 -18.87 9.55
N GLY B 172 2.20 -20.17 9.85
CA GLY B 172 1.45 -21.09 9.01
C GLY B 172 -0.01 -21.25 9.38
N ASP B 173 -0.44 -20.66 10.50
CA ASP B 173 -1.78 -20.85 11.06
C ASP B 173 -2.09 -22.33 11.24
N LEU B 174 -1.18 -23.02 11.90
CA LEU B 174 -1.31 -24.46 12.08
C LEU B 174 -2.27 -24.81 13.20
N SER B 175 -2.83 -26.02 13.11
CA SER B 175 -3.67 -26.57 14.16
C SER B 175 -2.87 -26.77 15.43
N ASP B 176 -3.55 -27.07 16.53
CA ASP B 176 -2.87 -27.34 17.79
C ASP B 176 -1.90 -28.50 17.67
N ASP B 177 -2.20 -29.47 16.80
CA ASP B 177 -1.32 -30.63 16.59
C ASP B 177 -0.33 -30.46 15.41
N GLY B 178 -0.19 -29.24 14.92
CA GLY B 178 0.89 -28.88 14.00
C GLY B 178 0.66 -29.11 12.52
N ARG B 179 -0.60 -29.17 12.11
CA ARG B 179 -0.97 -29.42 10.73
C ARG B 179 -1.62 -28.21 10.09
N TYR B 180 -1.37 -28.01 8.80
CA TYR B 180 -2.09 -26.98 8.06
C TYR B 180 -3.41 -27.55 7.54
N LEU B 181 -4.51 -27.01 8.06
CA LEU B 181 -5.86 -27.48 7.72
C LEU B 181 -6.72 -26.40 7.07
N GLY B 182 -6.08 -25.33 6.60
CA GLY B 182 -6.82 -24.20 6.07
C GLY B 182 -6.75 -23.02 7.02
N SER B 183 -7.31 -21.89 6.61
CA SER B 183 -7.17 -20.66 7.36
C SER B 183 -8.16 -19.61 6.86
N SER B 184 -8.60 -18.75 7.78
CA SER B 184 -9.34 -17.53 7.41
C SER B 184 -8.47 -16.62 6.53
N ARG B 185 -7.16 -16.81 6.59
CA ARG B 185 -6.24 -16.04 5.75
C ARG B 185 -6.45 -16.29 4.27
N ARG B 186 -7.08 -17.41 3.91
CA ARG B 186 -7.36 -17.69 2.50
C ARG B 186 -8.48 -16.80 1.96
N GLY B 187 -9.29 -16.25 2.85
CA GLY B 187 -10.48 -15.52 2.45
C GLY B 187 -11.73 -16.37 2.43
N TYR B 188 -12.81 -15.78 1.94
CA TYR B 188 -14.16 -16.29 2.10
C TYR B 188 -14.88 -16.30 0.76
N ASP B 189 -15.66 -17.35 0.53
CA ASP B 189 -16.54 -17.38 -0.63
C ASP B 189 -17.75 -16.47 -0.39
N SER B 190 -18.29 -16.52 0.83
CA SER B 190 -19.32 -15.59 1.28
C SER B 190 -18.75 -14.82 2.48
N GLU B 191 -18.84 -13.50 2.40
CA GLU B 191 -18.21 -12.61 3.39
C GLU B 191 -18.91 -12.70 4.75
N PRO B 192 -18.13 -12.81 5.84
CA PRO B 192 -18.77 -12.75 7.15
C PRO B 192 -19.50 -11.43 7.37
N GLY B 193 -20.75 -11.53 7.82
CA GLY B 193 -21.58 -10.37 8.08
C GLY B 193 -22.12 -10.36 9.48
N ALA B 194 -23.37 -9.96 9.64
CA ALA B 194 -23.98 -9.79 10.94
C ALA B 194 -24.83 -11.00 11.34
N GLY B 195 -25.11 -11.11 12.64
CA GLY B 195 -25.95 -12.18 13.14
C GLY B 195 -25.36 -13.54 12.89
N LEU B 196 -26.15 -14.44 12.30
CA LEU B 196 -25.70 -15.79 12.01
C LEU B 196 -25.14 -15.94 10.59
N ASN B 197 -24.75 -14.81 9.99
CA ASN B 197 -24.08 -14.81 8.70
C ASN B 197 -22.58 -14.93 8.92
N PHE B 198 -22.14 -16.15 9.23
CA PHE B 198 -20.76 -16.41 9.58
C PHE B 198 -19.82 -16.32 8.39
N GLY B 199 -20.38 -16.45 7.18
CA GLY B 199 -19.56 -16.54 5.98
C GLY B 199 -19.06 -17.96 5.80
N THR B 200 -18.28 -18.15 4.74
CA THR B 200 -17.81 -19.47 4.33
C THR B 200 -16.37 -19.39 3.90
N GLU B 201 -15.47 -19.96 4.70
CA GLU B 201 -14.04 -19.97 4.39
C GLU B 201 -13.76 -20.73 3.09
N LYS B 202 -12.85 -20.20 2.28
CA LYS B 202 -12.35 -20.92 1.11
C LYS B 202 -11.45 -22.08 1.57
N LYS B 203 -11.73 -23.28 1.08
CA LYS B 203 -11.01 -24.48 1.51
C LYS B 203 -9.64 -24.59 0.83
N PRO B 204 -8.67 -25.23 1.50
CA PRO B 204 -7.30 -25.26 0.98
C PRO B 204 -7.08 -26.26 -0.16
N PHE B 205 -6.10 -25.96 -1.00
CA PHE B 205 -5.52 -26.94 -1.91
C PHE B 205 -4.69 -27.94 -1.12
N ALA B 206 -4.45 -29.11 -1.71
CA ALA B 206 -3.60 -30.12 -1.10
C ALA B 206 -2.14 -29.72 -1.23
N MET B 207 -1.28 -30.27 -0.38
CA MET B 207 0.13 -29.92 -0.44
CA MET B 207 0.14 -29.94 -0.43
C MET B 207 0.73 -30.22 -1.81
N GLN B 208 0.45 -31.40 -2.34
CA GLN B 208 1.03 -31.78 -3.63
C GLN B 208 0.60 -30.83 -4.77
N GLU B 209 -0.65 -30.38 -4.74
CA GLU B 209 -1.14 -29.40 -5.71
C GLU B 209 -0.35 -28.09 -5.60
N VAL B 210 -0.20 -27.63 -4.37
CA VAL B 210 0.48 -26.37 -4.11
C VAL B 210 1.92 -26.41 -4.63
N ILE B 211 2.67 -27.43 -4.21
CA ILE B 211 4.07 -27.54 -4.63
C ILE B 211 4.22 -27.73 -6.15
N ARG B 212 3.42 -28.63 -6.72
CA ARG B 212 3.59 -28.97 -8.14
C ARG B 212 3.01 -27.92 -9.08
N SER B 213 2.17 -27.03 -8.56
CA SER B 213 1.62 -25.94 -9.38
C SER B 213 2.57 -24.74 -9.48
N GLY B 214 3.51 -24.64 -8.54
CA GLY B 214 4.42 -23.48 -8.49
C GLY B 214 3.69 -22.18 -8.20
N ILE B 215 2.65 -22.27 -7.38
CA ILE B 215 1.80 -21.12 -7.11
C ILE B 215 2.50 -20.01 -6.32
N GLY B 216 3.61 -20.33 -5.68
CA GLY B 216 4.38 -19.35 -4.92
C GLY B 216 5.59 -18.77 -5.63
N ARG B 217 5.68 -18.98 -6.94
CA ARG B 217 6.87 -18.57 -7.72
C ARG B 217 7.10 -17.06 -7.74
N ASN B 218 6.06 -16.26 -7.52
CA ASN B 218 6.21 -14.81 -7.52
C ASN B 218 6.23 -14.15 -6.13
N PHE B 219 6.16 -14.93 -5.06
CA PHE B 219 6.04 -14.33 -3.72
C PHE B 219 7.26 -13.48 -3.34
N SER B 220 8.44 -13.92 -3.74
CA SER B 220 9.66 -13.20 -3.35
C SER B 220 9.78 -11.83 -4.00
N PHE B 221 8.95 -11.56 -5.00
CA PHE B 221 8.89 -10.21 -5.57
C PHE B 221 8.62 -9.18 -4.48
N ASP B 222 7.81 -9.57 -3.48
CA ASP B 222 7.43 -8.67 -2.38
C ASP B 222 8.65 -8.17 -1.60
N PHE B 223 9.74 -8.96 -1.62
CA PHE B 223 10.95 -8.67 -0.85
C PHE B 223 11.99 -7.84 -1.60
N GLY B 224 11.79 -7.60 -2.89
CA GLY B 224 12.79 -6.85 -3.62
C GLY B 224 13.12 -5.54 -2.92
N TYR B 225 14.40 -5.21 -2.80
CA TYR B 225 14.76 -3.96 -2.15
C TYR B 225 14.03 -2.75 -2.75
N ASP B 226 13.89 -2.75 -4.07
CA ASP B 226 13.29 -1.65 -4.81
CA ASP B 226 13.29 -1.63 -4.78
C ASP B 226 11.81 -1.86 -5.14
N GLN B 227 11.21 -2.92 -4.58
CA GLN B 227 9.80 -3.25 -4.85
C GLN B 227 8.95 -3.42 -3.59
N ALA B 228 9.57 -3.72 -2.45
CA ALA B 228 8.78 -3.95 -1.23
C ALA B 228 7.93 -2.75 -0.87
N MET B 229 6.72 -3.00 -0.38
CA MET B 229 5.89 -1.93 0.14
C MET B 229 6.55 -1.32 1.40
N MET B 230 6.40 -0.02 1.64
CA MET B 230 5.53 0.87 0.86
C MET B 230 6.22 1.42 -0.39
N MET B 231 5.45 1.53 -1.47
CA MET B 231 5.90 2.12 -2.73
C MET B 231 5.04 3.34 -3.04
N PHE B 232 5.56 4.22 -3.90
CA PHE B 232 4.92 5.51 -4.16
C PHE B 232 4.93 5.88 -5.62
N THR B 233 4.08 6.85 -5.97
CA THR B 233 3.99 7.36 -7.33
C THR B 233 3.36 8.75 -7.33
N PRO B 234 3.72 9.60 -8.30
CA PRO B 234 3.11 10.93 -8.29
C PRO B 234 1.63 10.91 -8.63
N VAL B 235 0.86 11.71 -7.91
CA VAL B 235 -0.55 11.87 -8.21
C VAL B 235 -0.70 12.48 -9.61
N GLY B 236 -1.45 11.80 -10.47
CA GLY B 236 -1.73 12.32 -11.80
C GLY B 236 -0.72 11.97 -12.88
N GLY B 237 0.28 11.15 -12.53
CA GLY B 237 1.24 10.63 -13.51
C GLY B 237 2.69 10.93 -13.20
N MET B 238 3.58 10.00 -13.58
CA MET B 238 5.00 10.13 -13.27
C MET B 238 5.64 11.29 -14.01
N ASP B 239 5.10 11.63 -15.18
CA ASP B 239 5.68 12.71 -15.98
C ASP B 239 5.63 14.06 -15.28
N ARG B 240 4.79 14.18 -14.25
CA ARG B 240 4.66 15.45 -13.55
C ARG B 240 5.97 15.88 -12.88
N ILE B 241 6.85 14.93 -12.55
CA ILE B 241 8.17 15.28 -12.06
C ILE B 241 8.93 16.09 -13.10
N TYR B 242 8.81 15.69 -14.37
CA TYR B 242 9.65 16.25 -15.41
C TYR B 242 9.05 17.51 -16.05
N TYR B 243 7.73 17.65 -16.01
CA TYR B 243 7.11 18.96 -16.27
C TYR B 243 7.49 19.96 -15.18
N ALA B 244 7.65 19.49 -13.93
CA ALA B 244 8.10 20.37 -12.85
C ALA B 244 9.56 20.79 -13.04
N PHE B 245 10.43 19.85 -13.42
CA PHE B 245 11.81 20.22 -13.76
C PHE B 245 11.80 21.25 -14.88
N GLN B 246 11.01 20.98 -15.92
CA GLN B 246 10.93 21.89 -17.07
C GLN B 246 10.61 23.32 -16.63
N ASP B 247 9.62 23.46 -15.75
CA ASP B 247 9.19 24.79 -15.33
C ASP B 247 10.25 25.49 -14.47
N ARG B 248 11.03 24.72 -13.72
CA ARG B 248 12.11 25.29 -12.91
C ARG B 248 13.29 25.73 -13.77
N ILE B 249 13.59 24.96 -14.79
CA ILE B 249 14.68 25.26 -15.72
C ILE B 249 14.32 26.45 -16.60
N GLY B 250 13.06 26.49 -17.03
CA GLY B 250 12.58 27.53 -17.93
C GLY B 250 12.65 27.08 -19.38
N THR B 251 11.52 27.16 -20.09
CA THR B 251 11.47 26.73 -21.49
C THR B 251 12.37 27.54 -22.44
N ASP B 252 12.85 28.70 -21.99
CA ASP B 252 13.85 29.45 -22.75
C ASP B 252 15.18 28.68 -22.85
N ASN B 253 15.40 27.75 -21.92
CA ASN B 253 16.65 26.98 -21.84
C ASN B 253 16.52 25.53 -22.32
N ILE B 254 15.37 25.21 -22.93
CA ILE B 254 15.12 23.89 -23.48
C ILE B 254 14.58 24.03 -24.88
N VAL B 255 15.17 23.32 -25.83
CA VAL B 255 14.65 23.27 -27.20
C VAL B 255 14.02 21.91 -27.43
N PHE B 256 12.69 21.91 -27.55
CA PHE B 256 11.96 20.68 -27.85
C PHE B 256 11.90 20.47 -29.36
N GLY B 257 11.66 19.23 -29.77
CA GLY B 257 11.67 18.88 -31.19
C GLY B 257 13.04 19.06 -31.81
N ALA B 258 14.07 18.95 -30.98
CA ALA B 258 15.45 19.17 -31.38
C ALA B 258 16.20 17.84 -31.50
N GLU B 259 16.25 17.30 -32.71
CA GLU B 259 16.93 16.03 -32.93
C GLU B 259 18.41 16.26 -33.15
N VAL B 260 19.22 15.92 -32.16
CA VAL B 260 20.67 16.02 -32.30
C VAL B 260 21.17 15.07 -33.38
N THR B 261 22.03 15.59 -34.26
CA THR B 261 22.59 14.80 -35.36
C THR B 261 24.11 14.72 -35.32
N SER B 262 24.76 15.61 -34.56
CA SER B 262 26.21 15.62 -34.45
C SER B 262 26.65 16.11 -33.08
N MET B 263 27.76 15.57 -32.58
CA MET B 263 28.32 15.96 -31.29
C MET B 263 29.83 15.79 -31.38
N LYS B 264 30.57 16.89 -31.31
CA LYS B 264 32.03 16.84 -31.49
C LYS B 264 32.82 17.72 -30.52
N ASN B 265 33.90 17.17 -29.97
CA ASN B 265 34.90 17.97 -29.26
C ASN B 265 35.60 18.87 -30.25
N VAL B 266 35.59 20.17 -29.98
CA VAL B 266 36.25 21.17 -30.82
C VAL B 266 37.13 22.05 -29.94
N SER B 267 37.97 22.88 -30.56
CA SER B 267 38.87 23.76 -29.82
C SER B 267 38.14 24.68 -28.82
N GLU B 268 36.94 25.11 -29.18
CA GLU B 268 36.15 26.03 -28.33
C GLU B 268 35.33 25.34 -27.23
N GLY B 269 35.24 24.02 -27.28
CA GLY B 269 34.39 23.27 -26.36
C GLY B 269 33.81 22.06 -27.05
N VAL B 270 32.48 21.95 -27.00
CA VAL B 270 31.78 20.89 -27.71
C VAL B 270 30.73 21.54 -28.60
N THR B 271 30.68 21.12 -29.86
CA THR B 271 29.70 21.64 -30.80
C THR B 271 28.68 20.54 -31.11
N VAL B 272 27.40 20.90 -31.01
CA VAL B 272 26.30 19.96 -31.22
C VAL B 272 25.38 20.53 -32.31
N GLU B 273 25.18 19.76 -33.37
CA GLU B 273 24.24 20.11 -34.44
C GLU B 273 22.94 19.36 -34.23
N TYR B 274 21.83 20.04 -34.50
CA TYR B 274 20.52 19.46 -34.32
C TYR B 274 19.52 20.06 -35.31
N THR B 275 18.47 19.31 -35.61
CA THR B 275 17.40 19.77 -36.49
C THR B 275 16.15 20.05 -35.67
N ALA B 276 15.64 21.27 -35.78
CA ALA B 276 14.44 21.70 -35.07
C ALA B 276 13.54 22.52 -35.98
N GLY B 277 12.31 22.04 -36.17
CA GLY B 277 11.36 22.65 -37.11
C GLY B 277 11.80 22.51 -38.57
N GLY B 278 12.49 21.41 -38.85
CA GLY B 278 13.04 21.18 -40.19
C GLY B 278 14.27 22.02 -40.51
N SER B 279 14.69 22.83 -39.55
CA SER B 279 15.77 23.80 -39.74
C SER B 279 17.06 23.28 -39.10
N LYS B 280 18.20 23.59 -39.69
CA LYS B 280 19.50 23.11 -39.17
C LYS B 280 20.09 24.13 -38.21
N LYS B 281 20.41 23.66 -37.00
CA LYS B 281 20.88 24.51 -35.93
C LYS B 281 22.19 23.97 -35.36
N SER B 282 22.95 24.83 -34.71
CA SER B 282 24.21 24.44 -34.06
C SER B 282 24.37 25.22 -32.76
N ILE B 283 24.93 24.54 -31.75
CA ILE B 283 25.25 25.18 -30.48
C ILE B 283 26.59 24.69 -29.99
N THR B 284 27.42 25.63 -29.53
CA THR B 284 28.67 25.30 -28.88
C THR B 284 28.65 25.70 -27.41
N ALA B 285 29.10 24.79 -26.55
CA ALA B 285 29.20 25.03 -25.11
C ALA B 285 30.52 24.49 -24.59
N ASP B 286 30.90 24.90 -23.38
CA ASP B 286 32.19 24.48 -22.83
C ASP B 286 32.25 22.98 -22.56
N TYR B 287 31.14 22.41 -22.11
CA TYR B 287 31.02 20.98 -21.84
C TYR B 287 29.71 20.47 -22.43
N ALA B 288 29.62 19.15 -22.62
CA ALA B 288 28.37 18.49 -23.01
C ALA B 288 28.08 17.31 -22.10
N ILE B 289 26.81 17.19 -21.71
CA ILE B 289 26.31 15.99 -21.02
C ILE B 289 25.39 15.25 -21.98
N CYS B 290 25.81 14.06 -22.39
CA CYS B 290 25.07 13.27 -23.38
C CYS B 290 24.28 12.18 -22.70
N THR B 291 22.96 12.34 -22.65
CA THR B 291 22.06 11.37 -22.04
C THR B 291 21.26 10.54 -23.06
N ILE B 292 21.59 10.70 -24.34
CA ILE B 292 20.98 9.89 -25.39
C ILE B 292 21.30 8.41 -25.13
N PRO B 293 20.29 7.53 -25.26
CA PRO B 293 20.57 6.12 -24.99
C PRO B 293 21.78 5.60 -25.77
N PRO B 294 22.59 4.73 -25.13
CA PRO B 294 23.94 4.45 -25.66
C PRO B 294 23.97 3.85 -27.06
N HIS B 295 23.03 2.96 -27.35
CA HIS B 295 22.91 2.37 -28.70
C HIS B 295 22.60 3.38 -29.79
N LEU B 296 22.09 4.55 -29.41
CA LEU B 296 21.73 5.59 -30.37
C LEU B 296 22.88 6.59 -30.61
N VAL B 297 23.84 6.63 -29.70
CA VAL B 297 24.93 7.63 -29.77
C VAL B 297 25.82 7.45 -30.99
N GLY B 298 26.03 6.19 -31.39
CA GLY B 298 26.88 5.87 -32.53
C GLY B 298 26.33 6.35 -33.87
N ARG B 299 25.02 6.61 -33.93
CA ARG B 299 24.40 7.13 -35.14
C ARG B 299 24.71 8.60 -35.39
N LEU B 300 25.10 9.30 -34.34
CA LEU B 300 25.48 10.70 -34.46
C LEU B 300 26.80 10.81 -35.20
N GLN B 301 26.95 11.86 -36.00
CA GLN B 301 28.29 12.29 -36.43
C GLN B 301 29.07 12.69 -35.19
N ASN B 302 30.28 12.16 -35.04
CA ASN B 302 31.03 12.31 -33.80
C ASN B 302 32.52 12.12 -34.00
N ASN B 303 33.30 12.54 -33.02
CA ASN B 303 34.74 12.27 -32.99
C ASN B 303 35.14 11.55 -31.70
N LEU B 304 34.30 10.59 -31.30
CA LEU B 304 34.57 9.75 -30.15
C LEU B 304 35.60 8.70 -30.57
N PRO B 305 36.56 8.39 -29.67
CA PRO B 305 37.53 7.33 -30.00
C PRO B 305 36.88 5.98 -30.24
N GLY B 306 37.54 5.12 -31.00
CA GLY B 306 37.00 3.81 -31.32
C GLY B 306 36.62 2.98 -30.11
N ASP B 307 37.45 3.01 -29.07
CA ASP B 307 37.18 2.20 -27.87
C ASP B 307 35.95 2.68 -27.09
N VAL B 308 35.62 3.96 -27.24
CA VAL B 308 34.40 4.52 -26.65
C VAL B 308 33.18 4.06 -27.46
N LEU B 309 33.29 4.10 -28.79
CA LEU B 309 32.21 3.61 -29.65
C LEU B 309 31.93 2.11 -29.41
N THR B 310 33.00 1.35 -29.21
CA THR B 310 32.87 -0.08 -28.91
C THR B 310 32.22 -0.32 -27.55
N ALA B 311 32.61 0.50 -26.57
CA ALA B 311 32.03 0.39 -25.22
C ALA B 311 30.52 0.70 -25.24
N LEU B 312 30.12 1.71 -26.01
CA LEU B 312 28.70 2.08 -26.12
C LEU B 312 27.81 0.93 -26.63
N LYS B 313 28.40 0.09 -27.49
CA LYS B 313 27.67 -1.03 -28.09
C LYS B 313 27.46 -2.19 -27.11
N ALA B 314 28.18 -2.20 -25.99
CA ALA B 314 28.02 -3.25 -24.98
C ALA B 314 26.72 -3.11 -24.19
N ALA B 315 26.15 -1.91 -24.17
CA ALA B 315 24.88 -1.65 -23.49
C ALA B 315 23.73 -2.08 -24.39
N LYS B 316 23.32 -3.33 -24.26
CA LYS B 316 22.37 -3.90 -25.21
C LYS B 316 20.96 -3.41 -24.92
N PRO B 317 20.18 -3.13 -25.98
CA PRO B 317 18.81 -2.72 -25.78
C PRO B 317 17.97 -3.86 -25.22
N SER B 318 16.88 -3.50 -24.56
CA SER B 318 15.98 -4.48 -23.94
C SER B 318 14.54 -4.17 -24.34
N SER B 319 13.76 -5.22 -24.54
CA SER B 319 12.36 -5.11 -24.90
CA SER B 319 12.36 -5.09 -24.90
CA SER B 319 12.36 -5.11 -24.91
C SER B 319 11.48 -5.01 -23.67
N SER B 320 10.53 -4.06 -23.69
CA SER B 320 9.50 -3.98 -22.67
C SER B 320 8.38 -3.08 -23.18
N GLY B 321 7.15 -3.39 -22.77
CA GLY B 321 6.00 -2.61 -23.23
C GLY B 321 4.81 -2.75 -22.32
N LYS B 322 3.86 -1.84 -22.49
CA LYS B 322 2.63 -1.82 -21.71
C LYS B 322 1.46 -1.50 -22.63
N LEU B 323 0.27 -1.91 -22.19
CA LEU B 323 -0.97 -1.58 -22.89
C LEU B 323 -2.01 -1.25 -21.83
N GLY B 324 -2.66 -0.12 -21.98
CA GLY B 324 -3.71 0.32 -21.08
C GLY B 324 -5.07 0.29 -21.74
N ILE B 325 -6.07 -0.24 -21.02
CA ILE B 325 -7.46 -0.30 -21.47
C ILE B 325 -8.30 0.55 -20.53
N GLU B 326 -9.02 1.54 -21.05
CA GLU B 326 -10.00 2.24 -20.22
C GLU B 326 -11.31 1.48 -20.25
N TYR B 327 -11.80 1.14 -19.06
CA TYR B 327 -13.10 0.50 -18.88
C TYR B 327 -14.08 1.55 -18.35
N SER B 328 -15.33 1.44 -18.80
CA SER B 328 -16.40 2.33 -18.32
C SER B 328 -17.13 1.77 -17.10
N ARG B 329 -16.53 0.78 -16.45
CA ARG B 329 -17.05 0.18 -15.22
C ARG B 329 -15.84 -0.39 -14.50
N ARG B 330 -15.68 -0.05 -13.22
CA ARG B 330 -14.52 -0.52 -12.43
C ARG B 330 -14.83 -1.89 -11.84
N TRP B 331 -14.98 -2.86 -12.72
CA TRP B 331 -15.41 -4.22 -12.34
C TRP B 331 -14.44 -4.89 -11.38
N TRP B 332 -13.18 -4.49 -11.42
CA TRP B 332 -12.16 -5.10 -10.56
C TRP B 332 -12.40 -4.73 -9.11
N GLU B 333 -12.90 -3.52 -8.88
CA GLU B 333 -13.28 -3.08 -7.54
C GLU B 333 -14.64 -3.64 -7.13
N THR B 334 -15.63 -3.51 -8.00
CA THR B 334 -17.01 -3.88 -7.62
C THR B 334 -17.23 -5.37 -7.53
N GLU B 335 -16.61 -6.15 -8.42
CA GLU B 335 -16.83 -7.60 -8.43
C GLU B 335 -15.72 -8.34 -7.69
N ASP B 336 -14.46 -8.07 -8.04
CA ASP B 336 -13.32 -8.83 -7.53
C ASP B 336 -12.78 -8.28 -6.21
N ARG B 337 -13.26 -7.10 -5.81
CA ARG B 337 -12.74 -6.42 -4.61
C ARG B 337 -11.23 -6.21 -4.69
N ILE B 338 -10.79 -5.76 -5.86
CA ILE B 338 -9.40 -5.44 -6.13
C ILE B 338 -9.28 -3.94 -6.31
N TYR B 339 -8.57 -3.30 -5.37
CA TYR B 339 -8.24 -1.87 -5.45
C TYR B 339 -6.71 -1.71 -5.56
N GLY B 340 -6.23 -1.57 -6.79
CA GLY B 340 -4.80 -1.50 -7.06
C GLY B 340 -4.14 -2.86 -7.03
N GLY B 341 -2.81 -2.87 -7.13
CA GLY B 341 -2.07 -4.12 -7.20
C GLY B 341 -2.09 -4.72 -8.60
N ALA B 342 -1.49 -5.89 -8.73
CA ALA B 342 -1.37 -6.57 -10.01
C ALA B 342 -1.64 -8.06 -9.88
N SER B 343 -2.28 -8.62 -10.89
CA SER B 343 -2.34 -10.07 -11.04
C SER B 343 -1.11 -10.51 -11.83
N ASN B 344 -0.63 -11.72 -11.55
CA ASN B 344 0.63 -12.23 -12.10
C ASN B 344 0.38 -13.55 -12.82
N THR B 345 1.05 -13.73 -13.95
CA THR B 345 0.83 -14.91 -14.78
C THR B 345 2.05 -15.27 -15.62
N ASP B 346 2.10 -16.52 -16.07
CA ASP B 346 3.13 -16.96 -17.02
C ASP B 346 2.74 -16.70 -18.49
N LYS B 347 1.50 -16.27 -18.71
CA LYS B 347 1.05 -15.86 -20.05
C LYS B 347 1.89 -14.67 -20.53
N ASP B 348 1.87 -14.43 -21.84
CA ASP B 348 2.65 -13.33 -22.40
C ASP B 348 2.34 -11.97 -21.79
N ILE B 349 1.06 -11.74 -21.43
CA ILE B 349 0.70 -10.48 -20.80
C ILE B 349 1.50 -10.22 -19.51
N SER B 350 1.90 -11.31 -18.84
CA SER B 350 2.80 -11.32 -17.68
C SER B 350 2.14 -10.83 -16.38
N GLN B 351 1.46 -9.70 -16.46
CA GLN B 351 0.78 -9.13 -15.31
C GLN B 351 -0.25 -8.12 -15.78
N ILE B 352 -1.29 -7.97 -14.96
CA ILE B 352 -2.37 -7.01 -15.19
C ILE B 352 -2.36 -6.09 -13.98
N MET B 353 -2.12 -4.80 -14.20
CA MET B 353 -1.95 -3.85 -13.11
C MET B 353 -3.16 -2.93 -13.00
N PHE B 354 -3.78 -2.95 -11.82
CA PHE B 354 -4.99 -2.18 -11.55
C PHE B 354 -4.64 -0.81 -10.99
N PRO B 355 -5.49 0.19 -11.27
CA PRO B 355 -5.12 1.57 -10.99
C PRO B 355 -5.14 1.94 -9.50
N TYR B 356 -4.35 2.95 -9.18
CA TYR B 356 -4.12 3.42 -7.82
C TYR B 356 -4.78 4.78 -7.55
N ASP B 357 -5.64 5.20 -8.47
CA ASP B 357 -6.38 6.44 -8.32
C ASP B 357 -7.82 6.26 -8.79
N HIS B 358 -8.62 7.30 -8.57
CA HIS B 358 -10.05 7.26 -8.89
C HIS B 358 -10.74 6.06 -8.24
N TYR B 359 -10.29 5.66 -7.06
CA TYR B 359 -10.94 4.55 -6.37
C TYR B 359 -12.43 4.85 -6.22
N ASN B 360 -13.26 3.84 -6.48
CA ASN B 360 -14.72 3.95 -6.40
C ASN B 360 -15.37 4.89 -7.42
N SER B 361 -14.63 5.31 -8.45
CA SER B 361 -15.20 6.15 -9.51
C SER B 361 -15.94 5.28 -10.54
N ASP B 362 -16.36 5.89 -11.65
CA ASP B 362 -17.20 5.19 -12.63
C ASP B 362 -16.43 4.55 -13.79
N ARG B 363 -15.13 4.76 -13.85
CA ARG B 363 -14.32 4.29 -14.99
C ARG B 363 -12.87 4.26 -14.55
N GLY B 364 -12.02 3.59 -15.32
CA GLY B 364 -10.60 3.55 -15.00
C GLY B 364 -9.78 2.82 -16.03
N VAL B 365 -8.48 3.11 -16.03
CA VAL B 365 -7.54 2.48 -16.94
C VAL B 365 -6.81 1.33 -16.24
N VAL B 366 -6.89 0.15 -16.84
CA VAL B 366 -6.16 -1.02 -16.40
C VAL B 366 -4.95 -1.24 -17.32
N VAL B 367 -3.80 -1.54 -16.72
CA VAL B 367 -2.61 -1.92 -17.51
C VAL B 367 -2.73 -3.42 -17.82
N ALA B 368 -3.26 -3.70 -19.01
CA ALA B 368 -3.60 -5.06 -19.43
C ALA B 368 -2.38 -5.93 -19.68
N TYR B 369 -1.23 -5.30 -19.95
CA TYR B 369 0.02 -6.04 -19.86
C TYR B 369 1.18 -5.11 -19.57
N TYR B 370 2.15 -5.64 -18.83
CA TYR B 370 3.46 -5.04 -18.69
C TYR B 370 4.45 -6.18 -18.72
N SER B 371 5.02 -6.40 -19.92
CA SER B 371 5.86 -7.56 -20.15
C SER B 371 7.20 -7.12 -20.71
N SER B 372 8.17 -8.00 -20.58
CA SER B 372 9.54 -7.71 -20.99
C SER B 372 10.18 -8.95 -21.56
N GLY B 373 11.24 -8.76 -22.35
CA GLY B 373 11.96 -9.88 -22.95
C GLY B 373 11.08 -10.65 -23.91
N LYS B 374 11.17 -11.98 -23.84
CA LYS B 374 10.44 -12.87 -24.74
C LYS B 374 8.95 -12.55 -24.78
N ARG B 375 8.39 -12.25 -23.61
CA ARG B 375 6.97 -12.01 -23.50
C ARG B 375 6.53 -10.61 -23.93
N GLN B 376 7.51 -9.74 -24.24
CA GLN B 376 7.20 -8.50 -24.96
C GLN B 376 7.47 -8.64 -26.45
N GLU B 377 8.48 -9.42 -26.81
CA GLU B 377 8.73 -9.73 -28.22
C GLU B 377 7.48 -10.34 -28.87
N ALA B 378 6.61 -10.94 -28.04
CA ALA B 378 5.33 -11.50 -28.48
C ALA B 378 4.29 -10.44 -28.89
N PHE B 379 4.46 -9.21 -28.43
CA PHE B 379 3.59 -8.09 -28.76
C PHE B 379 4.22 -7.08 -29.73
N GLU B 380 5.54 -6.96 -29.64
CA GLU B 380 6.29 -5.91 -30.32
C GLU B 380 5.95 -5.77 -31.80
N SER B 381 5.84 -6.90 -32.49
CA SER B 381 5.65 -6.89 -33.93
C SER B 381 4.17 -6.91 -34.34
N LEU B 382 3.28 -7.00 -33.34
CA LEU B 382 1.85 -6.95 -33.61
C LEU B 382 1.40 -5.50 -33.79
N THR B 383 0.34 -5.30 -34.58
CA THR B 383 -0.30 -4.00 -34.64
C THR B 383 -0.97 -3.73 -33.29
N HIS B 384 -1.32 -2.48 -33.02
CA HIS B 384 -1.99 -2.20 -31.76
C HIS B 384 -3.29 -2.99 -31.62
N ARG B 385 -4.05 -3.09 -32.70
CA ARG B 385 -5.30 -3.84 -32.64
C ARG B 385 -5.05 -5.31 -32.28
N GLN B 386 -3.98 -5.87 -32.83
CA GLN B 386 -3.59 -7.25 -32.53
C GLN B 386 -3.08 -7.40 -31.10
N ARG B 387 -2.34 -6.40 -30.62
CA ARG B 387 -1.89 -6.40 -29.21
C ARG B 387 -3.09 -6.42 -28.29
N LEU B 388 -4.07 -5.57 -28.60
CA LEU B 388 -5.26 -5.44 -27.79
C LEU B 388 -6.03 -6.76 -27.74
N ALA B 389 -6.26 -7.35 -28.91
CA ALA B 389 -7.01 -8.62 -28.96
C ALA B 389 -6.33 -9.70 -28.12
N LYS B 390 -5.01 -9.79 -28.22
CA LYS B 390 -4.24 -10.78 -27.47
C LYS B 390 -4.29 -10.48 -25.97
N ALA B 391 -4.20 -9.20 -25.62
CA ALA B 391 -4.28 -8.79 -24.22
C ALA B 391 -5.65 -9.13 -23.60
N ILE B 392 -6.72 -8.88 -24.35
CA ILE B 392 -8.07 -9.15 -23.86
C ILE B 392 -8.28 -10.66 -23.71
N ALA B 393 -7.84 -11.43 -24.69
CA ALA B 393 -8.01 -12.89 -24.61
C ALA B 393 -7.31 -13.44 -23.38
N GLU B 394 -6.05 -13.09 -23.21
CA GLU B 394 -5.26 -13.60 -22.08
C GLU B 394 -5.76 -13.08 -20.74
N GLY B 395 -6.20 -11.83 -20.70
CA GLY B 395 -6.75 -11.28 -19.48
C GLY B 395 -8.06 -11.95 -19.08
N SER B 396 -8.87 -12.30 -20.08
CA SER B 396 -10.14 -12.97 -19.82
C SER B 396 -9.94 -14.37 -19.24
N GLU B 397 -8.80 -14.98 -19.54
CA GLU B 397 -8.44 -16.29 -18.98
C GLU B 397 -8.06 -16.19 -17.50
N ILE B 398 -7.84 -14.97 -17.02
CA ILE B 398 -7.49 -14.74 -15.61
C ILE B 398 -8.65 -14.14 -14.83
N HIS B 399 -9.30 -13.14 -15.43
CA HIS B 399 -10.33 -12.38 -14.73
C HIS B 399 -11.74 -12.59 -15.28
N GLY B 400 -11.89 -13.51 -16.23
CA GLY B 400 -13.20 -13.89 -16.72
C GLY B 400 -13.73 -13.07 -17.86
N GLU B 401 -14.95 -13.37 -18.28
CA GLU B 401 -15.58 -12.67 -19.41
C GLU B 401 -15.82 -11.18 -19.17
N LYS B 402 -15.88 -10.77 -17.91
CA LYS B 402 -16.02 -9.34 -17.60
C LYS B 402 -14.83 -8.52 -18.12
N TYR B 403 -13.70 -9.19 -18.34
CA TYR B 403 -12.52 -8.52 -18.89
C TYR B 403 -12.76 -8.01 -20.32
N THR B 404 -13.69 -8.64 -21.02
CA THR B 404 -13.99 -8.33 -22.43
C THR B 404 -15.06 -7.24 -22.62
N ARG B 405 -15.76 -6.91 -21.55
CA ARG B 405 -16.91 -5.99 -21.62
C ARG B 405 -16.56 -4.59 -21.11
N ASP B 406 -17.37 -3.61 -21.49
CA ASP B 406 -17.24 -2.23 -21.00
C ASP B 406 -15.89 -1.59 -21.36
N ILE B 407 -15.33 -1.99 -22.49
CA ILE B 407 -14.08 -1.40 -22.98
C ILE B 407 -14.37 -0.13 -23.78
N SER B 408 -13.77 0.99 -23.35
CA SER B 408 -13.93 2.28 -24.02
C SER B 408 -12.85 2.54 -25.07
N SER B 409 -11.60 2.39 -24.66
CA SER B 409 -10.48 2.68 -25.55
C SER B 409 -9.21 2.00 -25.04
N SER B 410 -8.11 2.19 -25.77
CA SER B 410 -6.84 1.56 -25.38
C SER B 410 -5.65 2.25 -26.03
N PHE B 411 -4.47 1.99 -25.49
CA PHE B 411 -3.25 2.65 -25.96
C PHE B 411 -2.07 1.82 -25.50
N SER B 412 -1.15 1.51 -26.43
CA SER B 412 0.02 0.71 -26.10
C SER B 412 1.32 1.41 -26.47
N GLY B 413 2.37 1.03 -25.76
CA GLY B 413 3.73 1.42 -26.09
C GLY B 413 4.64 0.20 -26.05
N SER B 414 5.55 0.10 -27.01
CA SER B 414 6.58 -0.94 -26.97
C SER B 414 7.92 -0.24 -27.16
N TRP B 415 8.72 -0.25 -26.11
CA TRP B 415 9.87 0.66 -26.03
C TRP B 415 10.94 0.41 -27.10
N ARG B 416 11.14 -0.83 -27.52
CA ARG B 416 12.14 -1.06 -28.56
CA ARG B 416 12.10 -1.15 -28.59
C ARG B 416 11.69 -0.51 -29.91
N ARG B 417 10.37 -0.31 -30.08
CA ARG B 417 9.81 0.25 -31.31
C ARG B 417 9.48 1.74 -31.17
N THR B 418 9.98 2.39 -30.12
CA THR B 418 9.64 3.78 -29.82
C THR B 418 10.79 4.72 -30.18
N LYS B 419 10.50 5.69 -31.04
CA LYS B 419 11.51 6.63 -31.51
C LYS B 419 12.15 7.40 -30.36
N TYR B 420 13.48 7.50 -30.40
CA TYR B 420 14.30 8.19 -29.39
C TYR B 420 14.45 7.40 -28.08
N SER B 421 13.98 6.16 -28.10
CA SER B 421 14.27 5.20 -27.02
C SER B 421 14.89 3.95 -27.63
N GLU B 422 14.10 3.21 -28.41
CA GLU B 422 14.54 1.95 -29.04
C GLU B 422 15.10 0.94 -28.04
N SER B 423 14.56 1.01 -26.81
CA SER B 423 14.96 0.14 -25.70
C SER B 423 14.23 0.62 -24.47
N ALA B 424 13.90 -0.32 -23.58
CA ALA B 424 13.32 0.00 -22.29
C ALA B 424 14.43 0.37 -21.29
N TRP B 425 15.58 -0.28 -21.42
CA TRP B 425 16.72 -0.12 -20.51
C TRP B 425 17.88 -0.96 -21.02
N ALA B 426 19.08 -0.67 -20.53
CA ALA B 426 20.29 -1.34 -20.99
C ALA B 426 20.53 -2.66 -20.26
N ASN B 427 21.07 -3.64 -20.99
CA ASN B 427 21.55 -4.89 -20.41
C ASN B 427 22.99 -5.08 -20.87
N TRP B 428 23.92 -4.70 -20.01
CA TRP B 428 25.34 -4.72 -20.34
C TRP B 428 25.82 -6.15 -20.59
N ALA B 429 26.59 -6.30 -21.67
CA ALA B 429 27.26 -7.56 -21.99
C ALA B 429 28.20 -7.95 -20.85
N GLY B 430 28.07 -9.18 -20.35
CA GLY B 430 28.98 -9.71 -19.33
C GLY B 430 28.60 -9.36 -17.90
N ALA B 439 29.49 -2.85 -13.70
CA ALA B 439 30.83 -3.13 -13.20
C ALA B 439 31.75 -3.69 -14.29
N THR B 440 31.21 -3.79 -15.51
CA THR B 440 31.95 -4.33 -16.63
C THR B 440 32.96 -3.30 -17.15
N PRO B 441 33.94 -3.74 -17.97
CA PRO B 441 34.94 -2.81 -18.48
C PRO B 441 34.34 -1.68 -19.33
N GLU B 442 33.28 -1.99 -20.07
CA GLU B 442 32.63 -1.03 -20.95
C GLU B 442 31.87 0.02 -20.16
N TYR B 443 31.18 -0.43 -19.11
CA TYR B 443 30.49 0.48 -18.18
C TYR B 443 31.50 1.42 -17.53
N GLU B 444 32.58 0.86 -17.02
CA GLU B 444 33.59 1.66 -16.34
C GLU B 444 34.25 2.65 -17.30
N LYS B 445 34.50 2.22 -18.52
CA LYS B 445 35.08 3.12 -19.52
C LYS B 445 34.20 4.35 -19.76
N LEU B 446 32.89 4.14 -19.79
CA LEU B 446 31.96 5.20 -20.13
C LEU B 446 31.62 6.15 -18.97
N LEU B 447 32.23 5.92 -17.81
CA LEU B 447 32.16 6.87 -16.69
C LEU B 447 33.19 7.99 -16.86
N GLU B 448 34.20 7.77 -17.69
CA GLU B 448 35.22 8.77 -17.93
C GLU B 448 34.74 9.77 -18.98
N PRO B 449 35.10 11.05 -18.84
CA PRO B 449 34.83 12.00 -19.90
C PRO B 449 35.63 11.72 -21.16
N VAL B 450 35.06 12.04 -22.31
CA VAL B 450 35.77 12.01 -23.59
C VAL B 450 36.13 13.46 -23.92
N ASP B 451 37.24 13.90 -23.32
CA ASP B 451 37.65 15.31 -23.24
C ASP B 451 36.58 16.16 -22.54
N LYS B 452 35.70 16.86 -23.28
CA LYS B 452 34.67 17.71 -22.66
C LYS B 452 33.26 17.14 -22.76
N ILE B 453 33.15 15.90 -23.23
CA ILE B 453 31.87 15.18 -23.33
C ILE B 453 31.73 14.14 -22.20
N TYR B 454 30.65 14.28 -21.43
CA TYR B 454 30.33 13.36 -20.35
C TYR B 454 29.06 12.59 -20.71
N PHE B 455 29.06 11.29 -20.45
CA PHE B 455 27.86 10.48 -20.59
C PHE B 455 27.13 10.36 -19.25
N ALA B 456 25.81 10.43 -19.29
CA ALA B 456 25.00 10.22 -18.09
C ALA B 456 23.72 9.50 -18.48
N GLY B 457 23.14 8.80 -17.52
CA GLY B 457 21.86 8.11 -17.75
C GLY B 457 21.74 6.93 -16.81
N ASP B 458 20.57 6.30 -16.80
CA ASP B 458 20.36 5.19 -15.86
C ASP B 458 21.22 3.96 -16.18
N HIS B 459 21.70 3.88 -17.43
CA HIS B 459 22.56 2.76 -17.84
C HIS B 459 23.93 2.84 -17.17
N LEU B 460 24.34 4.03 -16.74
CA LEU B 460 25.63 4.24 -16.08
C LEU B 460 25.43 4.33 -14.56
N SER B 461 24.57 3.45 -14.06
CA SER B 461 24.29 3.39 -12.64
C SER B 461 24.09 1.95 -12.20
N ASN B 462 24.02 1.78 -10.88
CA ASN B 462 23.66 0.51 -10.24
C ASN B 462 22.16 0.45 -9.95
N ALA B 463 21.38 1.25 -10.67
CA ALA B 463 19.92 1.22 -10.58
C ALA B 463 19.35 1.44 -11.99
N ILE B 464 19.79 0.59 -12.91
CA ILE B 464 19.29 0.63 -14.27
C ILE B 464 17.79 0.36 -14.23
N ALA B 465 17.05 1.09 -15.07
CA ALA B 465 15.59 0.98 -15.12
C ALA B 465 14.93 1.52 -13.85
N TRP B 466 15.62 2.47 -13.19
CA TRP B 466 15.03 3.30 -12.15
C TRP B 466 15.42 4.74 -12.39
N GLN B 467 14.47 5.65 -12.16
CA GLN B 467 14.77 7.08 -12.22
C GLN B 467 15.94 7.43 -11.29
N HIS B 468 16.00 6.78 -10.13
CA HIS B 468 17.11 6.96 -9.20
C HIS B 468 18.46 6.82 -9.89
N GLY B 469 18.57 5.83 -10.78
CA GLY B 469 19.82 5.63 -11.54
C GLY B 469 20.18 6.80 -12.44
N ALA B 470 19.18 7.34 -13.14
CA ALA B 470 19.36 8.52 -13.99
C ALA B 470 19.74 9.76 -13.18
N LEU B 471 19.05 9.95 -12.06
CA LEU B 471 19.19 11.14 -11.24
C LEU B 471 20.53 11.15 -10.50
N THR B 472 20.95 9.99 -10.00
CA THR B 472 22.26 9.90 -9.34
C THR B 472 23.40 10.00 -10.35
N SER B 473 23.18 9.53 -11.58
CA SER B 473 24.19 9.67 -12.64
C SER B 473 24.36 11.16 -12.99
N ALA B 474 23.24 11.86 -13.16
CA ALA B 474 23.29 13.29 -13.44
C ALA B 474 24.06 14.04 -12.35
N ARG B 475 23.77 13.72 -11.10
CA ARG B 475 24.40 14.43 -9.96
C ARG B 475 25.89 14.18 -9.89
N ASP B 476 26.31 12.96 -10.20
CA ASP B 476 27.75 12.66 -10.23
C ASP B 476 28.44 13.42 -11.37
N VAL B 477 27.81 13.43 -12.53
CA VAL B 477 28.41 14.11 -13.69
C VAL B 477 28.49 15.62 -13.50
N VAL B 478 27.44 16.21 -12.94
CA VAL B 478 27.47 17.65 -12.62
C VAL B 478 28.58 17.97 -11.61
N THR B 479 28.76 17.08 -10.63
CA THR B 479 29.84 17.24 -9.64
C THR B 479 31.23 17.17 -10.29
N HIS B 480 31.40 16.25 -11.25
CA HIS B 480 32.67 16.15 -11.97
C HIS B 480 32.97 17.37 -12.82
N ILE B 481 31.96 17.91 -13.49
CA ILE B 481 32.14 19.13 -14.29
C ILE B 481 32.51 20.29 -13.38
N HIS B 482 31.84 20.39 -12.24
CA HIS B 482 32.08 21.50 -11.32
C HIS B 482 33.49 21.48 -10.74
N GLU B 483 33.99 20.28 -10.43
CA GLU B 483 35.36 20.12 -9.91
C GLU B 483 36.38 20.48 -10.96
N ARG B 484 36.10 20.11 -12.19
CA ARG B 484 36.99 20.42 -13.31
C ARG B 484 37.08 21.92 -13.54
N VAL B 485 35.94 22.59 -13.49
CA VAL B 485 35.90 24.04 -13.66
C VAL B 485 36.68 24.72 -12.54
N ALA B 486 36.57 24.18 -11.32
CA ALA B 486 37.32 24.71 -10.17
C ALA B 486 38.83 24.59 -10.35
N GLN B 487 39.26 23.55 -11.05
CA GLN B 487 40.67 23.22 -11.21
C GLN B 487 41.33 24.10 -12.25
N ALA C . -10.32 -3.84 13.71
CA ALA C . -9.56 -2.96 14.65
C ALA C . -8.27 -2.52 14.01
O ALA C . -8.04 -2.79 12.82
CB ALA C . -9.29 -3.68 15.95
OXT ALA C . -7.40 -1.91 14.66
PA FAD D . -20.75 3.08 18.18
O1A FAD D . -19.77 3.60 17.18
O2A FAD D . -20.23 2.85 19.56
O5B FAD D . -22.00 4.07 18.21
C5B FAD D . -22.91 4.04 19.29
C4B FAD D . -23.51 5.42 19.44
O4B FAD D . -24.41 5.38 20.55
C3B FAD D . -22.46 6.49 19.73
O3B FAD D . -22.48 7.54 18.77
C2B FAD D . -22.82 6.97 21.13
O2B FAD D . -22.54 8.34 21.37
C1B FAD D . -24.30 6.64 21.19
N9A FAD D . -24.84 6.58 22.55
C8A FAD D . -24.36 5.90 23.62
N7A FAD D . -25.20 6.06 24.67
C5A FAD D . -26.20 6.90 24.29
C6A FAD D . -27.33 7.41 24.93
N6A FAD D . -27.60 7.14 26.21
N1A FAD D . -28.20 8.17 24.20
C2A FAD D . -27.95 8.48 22.88
N3A FAD D . -26.87 7.94 22.22
C4A FAD D . -26.00 7.19 22.94
N1 FAD D . -13.40 -0.20 12.47
C2 FAD D . -12.88 -0.23 11.19
O2 FAD D . -13.64 -0.40 10.22
N3 FAD D . -11.55 0.07 10.99
C4 FAD D . -10.67 0.17 12.04
O4 FAD D . -9.51 0.57 11.84
C4X FAD D . -11.17 0.08 13.34
N5 FAD D . -10.33 0.25 14.45
C5X FAD D . -10.90 0.68 15.65
C6 FAD D . -10.09 1.06 16.71
C7 FAD D . -10.63 1.51 17.92
C7M FAD D . -9.69 1.86 19.05
C8 FAD D . -12.02 1.55 18.07
C8M FAD D . -12.69 2.15 19.28
C9 FAD D . -12.83 1.11 17.02
C9A FAD D . -12.29 0.65 15.81
N10 FAD D . -13.10 0.22 14.77
C10 FAD D . -12.55 -0.01 13.53
C1' FAD D . -14.51 -0.24 15.00
C2' FAD D . -15.57 0.81 14.68
O2' FAD D . -15.24 2.07 15.28
C3' FAD D . -16.91 0.27 15.19
O3' FAD D . -17.14 -1.00 14.61
C4' FAD D . -18.12 1.15 14.92
O4' FAD D . -17.92 2.47 15.41
C5' FAD D . -19.33 0.55 15.64
O5' FAD D . -20.51 1.26 15.33
P FAD D . -21.80 1.10 16.26
O1P FAD D . -22.87 1.95 15.65
O2P FAD D . -22.11 -0.36 16.48
O3P FAD D . -21.33 1.65 17.71
N ALA E . 12.33 -0.87 -12.37
CA ALA E . 11.33 -1.27 -13.40
C ALA E . 10.04 -1.67 -12.74
O ALA E . 9.87 -1.46 -11.53
CB ALA E . 11.87 -2.42 -14.24
OXT ALA E . 9.10 -2.11 -13.42
PA FAD F . 15.68 8.58 -21.03
O1A FAD F . 14.47 8.67 -20.17
O2A FAD F . 15.69 7.53 -22.11
O5B FAD F . 15.97 10.02 -21.68
C5B FAD F . 16.80 10.17 -22.80
C4B FAD F . 16.27 11.35 -23.63
O4B FAD F . 17.08 11.49 -24.78
C3B FAD F . 14.82 11.17 -24.10
O3B FAD F . 13.96 12.22 -23.65
C2B FAD F . 14.96 11.13 -25.61
O2B FAD F . 13.86 11.63 -26.34
C1B FAD F . 16.24 11.93 -25.82
N9A FAD F . 16.87 11.71 -27.13
C8A FAD F . 17.14 10.50 -27.74
N7A FAD F . 17.78 10.75 -28.91
C5A FAD F . 17.87 12.09 -29.08
C6A FAD F . 18.41 12.90 -30.08
N6A FAD F . 19.01 12.41 -31.18
N1A FAD F . 18.43 14.26 -29.87
C2A FAD F . 17.93 14.84 -28.72
N3A FAD F . 17.36 14.04 -27.76
C4A FAD F . 17.35 12.69 -27.93
N1 FAD F . 11.82 3.97 -13.25
C2 FAD F . 11.30 4.12 -12.00
O2 FAD F . 11.81 4.91 -11.20
N3 FAD F . 10.14 3.44 -11.68
C4 FAD F . 9.59 2.49 -12.52
O4 FAD F . 8.48 2.00 -12.23
C4X FAD F . 10.22 2.22 -13.74
N5 FAD F . 9.69 1.29 -14.64
C5X FAD F . 10.02 1.41 -15.99
C6 FAD F . 9.30 0.70 -16.95
C7 FAD F . 9.55 0.84 -18.31
C7M FAD F . 8.79 -0.01 -19.31
C8 FAD F . 10.51 1.77 -18.73
C8M FAD F . 10.69 2.13 -20.19
C9 FAD F . 11.21 2.52 -17.78
C9A FAD F . 10.98 2.34 -16.39
N10 FAD F . 11.72 3.04 -15.43
C10 FAD F . 11.28 3.04 -14.12
C1' FAD F . 13.05 3.66 -15.72
C2' FAD F . 13.01 5.15 -16.04
O2' FAD F . 12.02 5.45 -17.02
C3' FAD F . 14.43 5.50 -16.53
O3' FAD F . 15.39 5.13 -15.52
C4' FAD F . 14.65 6.97 -16.88
O4' FAD F . 13.69 7.44 -17.81
C5' FAD F . 16.05 7.13 -17.44
O5' FAD F . 16.32 8.48 -17.71
P FAD F . 17.49 8.89 -18.73
O1P FAD F . 17.57 10.38 -18.75
O2P FAD F . 18.75 8.11 -18.38
O3P FAD F . 17.00 8.29 -20.14
#